data_6YOR
#
_entry.id   6YOR
#
_cell.length_a   1.00
_cell.length_b   1.00
_cell.length_c   1.00
_cell.angle_alpha   90.00
_cell.angle_beta   90.00
_cell.angle_gamma   90.00
#
_symmetry.space_group_name_H-M   'P 1'
#
loop_
_entity.id
_entity.type
_entity.pdbx_description
1 polymer 'Spike glycoprotein'
2 polymer 'IgG H chain'
3 polymer 'IgG L chain'
#
loop_
_entity_poly.entity_id
_entity_poly.type
_entity_poly.pdbx_seq_one_letter_code
_entity_poly.pdbx_strand_id
1 'polypeptide(L)'
;PNITNLCPFGEVFNATRFASVYAWNRKRISNCVADYSVLYNSASFSTFKCYGVSPTKLNDLCFTNVYADSFVIRGDEVRQ
IAPGQTGKIADYNYKLPDDFTGCVIAWNSNNLDSKVGGNYNYLYRLFRKSNLKPFERDISTEIYQAGSTPCNGVEGFNCY
FPLQSYGFQPTNGVGYQPYRVVVLSFELLHAPATVCGPKKSTN
;
E,A
2 'polypeptide(L)'
;TQMQLVQSGTEVKKPGESLKISCKGSGYGFITYWIGWVRQMPGKGLEWMGIIYPGDSETRYSPSFQGQVTISADKSINTA
YLQWSSLKASDTAIYYCAGGSGISTPMDVWGQGTTVTVASTKGPSVFPLAPSSKSTSGGTAALGCLVKDYFPEPVTVSWN
SGALTSGVHTFPAVLQSSGLYSLSSVVTVPSSSLGTQTYICNVNHKPSNTKVDKKVEPKSCDKHHHHHH
;
H,B
3 'polypeptide(L)'
;DIQLTQSPDSLAVSLGERATINCKSSQSVLYSSINKNYLAWYQQKPGQPPKLLIYWASTRESGVPDRFSGSGSGTDFTLT
ISSLQAEDVAVYYCQQYYSTPYTFGQGTKVEIKRTVAAPSVFIFPPSDEQLKSGTASVVCLLNNFYPREAKVQWKVDNAL
QSGNSQESVTEQDSKDSTYSLSSTLTLSKADYEKHKVYACEVTHQGLSSPVTKSFNRGEC
;
L,C
#
# COMPACT_ATOMS: atom_id res chain seq x y z
N ASN A 5 -18.12 -38.71 -23.64
CA ASN A 5 -17.40 -38.84 -22.37
C ASN A 5 -16.70 -37.54 -21.96
N LEU A 6 -17.44 -36.43 -21.96
CA LEU A 6 -16.90 -35.18 -21.47
C LEU A 6 -16.57 -35.28 -19.98
N CYS A 7 -15.49 -34.61 -19.57
CA CYS A 7 -15.06 -34.73 -18.18
C CYS A 7 -16.07 -34.09 -17.24
N PRO A 8 -16.30 -34.67 -16.06
CA PRO A 8 -17.37 -34.21 -15.16
C PRO A 8 -16.97 -33.00 -14.32
N PHE A 9 -16.63 -31.90 -14.99
CA PHE A 9 -16.37 -30.66 -14.27
C PHE A 9 -17.65 -30.08 -13.68
N GLY A 10 -18.82 -30.49 -14.18
CA GLY A 10 -20.06 -29.97 -13.63
C GLY A 10 -20.32 -30.46 -12.22
N GLU A 11 -20.13 -31.75 -11.98
CA GLU A 11 -20.38 -32.30 -10.65
C GLU A 11 -19.34 -31.88 -9.63
N VAL A 12 -18.29 -31.18 -10.05
CA VAL A 12 -17.33 -30.57 -9.14
C VAL A 12 -17.66 -29.11 -8.88
N PHE A 13 -17.96 -28.36 -9.94
CA PHE A 13 -18.19 -26.92 -9.79
C PHE A 13 -19.58 -26.61 -9.28
N ASN A 14 -20.59 -27.39 -9.63
CA ASN A 14 -21.96 -27.17 -9.18
C ASN A 14 -22.39 -28.19 -8.13
N ALA A 15 -21.46 -28.75 -7.37
CA ALA A 15 -21.83 -29.62 -6.27
C ALA A 15 -22.64 -28.83 -5.25
N THR A 16 -23.81 -29.37 -4.90
CA THR A 16 -24.72 -28.65 -4.01
C THR A 16 -24.05 -28.32 -2.67
N ARG A 17 -23.25 -29.25 -2.15
CA ARG A 17 -22.52 -29.05 -0.91
C ARG A 17 -21.03 -29.21 -1.18
N PHE A 18 -20.24 -28.24 -0.69
CA PHE A 18 -18.79 -28.31 -0.81
C PHE A 18 -18.19 -28.98 0.43
N ALA A 19 -16.95 -28.64 0.74
CA ALA A 19 -16.25 -29.26 1.86
C ALA A 19 -15.44 -28.23 2.62
N SER A 20 -15.21 -28.51 3.90
CA SER A 20 -14.34 -27.67 4.70
C SER A 20 -12.91 -27.74 4.19
N VAL A 21 -12.17 -26.64 4.36
CA VAL A 21 -10.83 -26.55 3.78
C VAL A 21 -9.88 -27.54 4.42
N TYR A 22 -10.05 -27.83 5.72
CA TYR A 22 -9.16 -28.78 6.37
C TYR A 22 -9.37 -30.19 5.84
N ALA A 23 -10.60 -30.53 5.47
CA ALA A 23 -10.90 -31.81 4.84
C ALA A 23 -11.26 -31.59 3.38
N TRP A 24 -10.36 -30.95 2.63
CA TRP A 24 -10.64 -30.61 1.25
C TRP A 24 -10.89 -31.85 0.41
N ASN A 25 -11.73 -31.71 -0.61
CA ASN A 25 -12.20 -32.82 -1.41
C ASN A 25 -11.46 -32.84 -2.74
N ARG A 26 -11.00 -34.03 -3.15
CA ARG A 26 -10.26 -34.20 -4.39
C ARG A 26 -11.04 -35.11 -5.34
N LYS A 27 -11.23 -34.65 -6.57
CA LYS A 27 -11.89 -35.42 -7.63
C LYS A 27 -10.84 -35.80 -8.66
N ARG A 28 -10.72 -37.10 -8.94
CA ARG A 28 -9.79 -37.59 -9.95
C ARG A 28 -10.45 -37.57 -11.31
N ILE A 29 -9.85 -36.86 -12.25
CA ILE A 29 -10.35 -36.76 -13.62
C ILE A 29 -9.58 -37.74 -14.49
N SER A 30 -10.28 -38.67 -15.13
CA SER A 30 -9.62 -39.70 -15.91
C SER A 30 -10.55 -40.19 -17.02
N ASN A 31 -9.93 -40.66 -18.11
CA ASN A 31 -10.62 -41.32 -19.21
C ASN A 31 -11.77 -40.48 -19.75
N CYS A 32 -11.47 -39.21 -20.04
CA CYS A 32 -12.51 -38.30 -20.52
C CYS A 32 -11.86 -37.16 -21.29
N VAL A 33 -12.66 -36.56 -22.16
CA VAL A 33 -12.26 -35.35 -22.88
C VAL A 33 -12.70 -34.14 -22.07
N ALA A 34 -11.77 -33.23 -21.81
CA ALA A 34 -12.02 -32.07 -20.98
C ALA A 34 -12.08 -30.82 -21.85
N ASP A 35 -13.23 -30.17 -21.87
CA ASP A 35 -13.43 -28.93 -22.62
C ASP A 35 -13.30 -27.77 -21.63
N TYR A 36 -12.07 -27.30 -21.45
CA TYR A 36 -11.78 -26.24 -20.50
C TYR A 36 -12.35 -24.90 -20.90
N SER A 37 -12.86 -24.77 -22.13
CA SER A 37 -13.46 -23.50 -22.55
C SER A 37 -14.70 -23.18 -21.71
N VAL A 38 -15.44 -24.21 -21.28
CA VAL A 38 -16.56 -23.99 -20.37
C VAL A 38 -16.11 -23.25 -19.11
N LEU A 39 -14.86 -23.47 -18.68
CA LEU A 39 -14.39 -22.86 -17.45
C LEU A 39 -14.08 -21.37 -17.66
N TYR A 40 -13.22 -21.05 -18.63
CA TYR A 40 -12.79 -19.67 -18.78
C TYR A 40 -13.73 -18.81 -19.60
N ASN A 41 -14.70 -19.41 -20.30
CA ASN A 41 -15.74 -18.61 -20.92
C ASN A 41 -16.88 -18.28 -19.97
N SER A 42 -16.86 -18.82 -18.76
CA SER A 42 -17.88 -18.50 -17.77
C SER A 42 -17.65 -17.10 -17.22
N ALA A 43 -18.76 -16.37 -17.02
CA ALA A 43 -18.71 -15.02 -16.47
C ALA A 43 -19.08 -14.98 -15.00
N SER A 44 -18.90 -16.09 -14.27
CA SER A 44 -19.35 -16.21 -12.89
C SER A 44 -18.21 -16.67 -11.99
N PHE A 45 -17.00 -16.16 -12.24
CA PHE A 45 -15.85 -16.44 -11.41
C PHE A 45 -15.19 -15.13 -10.97
N SER A 46 -14.78 -15.08 -9.71
CA SER A 46 -14.07 -13.91 -9.21
C SER A 46 -12.58 -13.98 -9.49
N THR A 47 -11.99 -15.17 -9.43
CA THR A 47 -10.56 -15.35 -9.60
C THR A 47 -10.31 -16.62 -10.41
N PHE A 48 -9.35 -16.54 -11.33
CA PHE A 48 -8.99 -17.62 -12.23
C PHE A 48 -7.49 -17.55 -12.48
N LYS A 49 -6.71 -17.78 -11.43
CA LYS A 49 -5.27 -17.66 -11.48
C LYS A 49 -4.64 -19.01 -11.82
N CYS A 50 -3.98 -19.10 -12.96
CA CYS A 50 -3.33 -20.31 -13.41
C CYS A 50 -1.81 -20.14 -13.32
N TYR A 51 -1.13 -21.21 -12.96
CA TYR A 51 0.31 -21.19 -12.69
C TYR A 51 1.01 -22.24 -13.55
N GLY A 52 2.00 -21.79 -14.31
CA GLY A 52 2.79 -22.70 -15.13
C GLY A 52 2.04 -23.38 -16.25
N VAL A 53 0.81 -22.96 -16.55
CA VAL A 53 0.03 -23.58 -17.61
C VAL A 53 -0.97 -22.55 -18.12
N SER A 54 -1.30 -22.64 -19.40
CA SER A 54 -2.24 -21.71 -20.03
C SER A 54 -3.56 -22.39 -20.30
N PRO A 55 -4.64 -22.00 -19.64
CA PRO A 55 -5.93 -22.69 -19.85
C PRO A 55 -6.46 -22.55 -21.27
N THR A 56 -6.11 -21.48 -21.98
CA THR A 56 -6.55 -21.30 -23.35
C THR A 56 -5.73 -22.10 -24.35
N LYS A 57 -4.69 -22.80 -23.90
CA LYS A 57 -3.76 -23.49 -24.79
C LYS A 57 -3.67 -24.99 -24.53
N LEU A 58 -4.58 -25.56 -23.74
CA LEU A 58 -4.49 -26.97 -23.41
C LEU A 58 -5.73 -27.77 -23.82
N ASN A 59 -6.61 -27.20 -24.64
CA ASN A 59 -7.67 -27.98 -25.26
C ASN A 59 -7.19 -28.76 -26.48
N ASP A 60 -5.89 -28.73 -26.75
CA ASP A 60 -5.25 -29.62 -27.73
C ASP A 60 -4.09 -30.36 -27.08
N LEU A 61 -4.13 -30.51 -25.76
CA LEU A 61 -3.08 -31.13 -24.98
C LEU A 61 -3.64 -32.29 -24.18
N CYS A 62 -2.77 -33.25 -23.86
CA CYS A 62 -3.15 -34.42 -23.08
C CYS A 62 -2.35 -34.46 -21.78
N PHE A 63 -2.97 -35.04 -20.75
CA PHE A 63 -2.33 -35.21 -19.45
C PHE A 63 -2.63 -36.60 -18.92
N THR A 64 -1.69 -37.13 -18.13
CA THR A 64 -1.89 -38.45 -17.54
C THR A 64 -3.06 -38.45 -16.57
N ASN A 65 -3.17 -37.41 -15.75
CA ASN A 65 -4.27 -37.26 -14.81
C ASN A 65 -4.46 -35.81 -14.45
N VAL A 66 -5.70 -35.45 -14.10
CA VAL A 66 -6.05 -34.12 -13.65
C VAL A 66 -6.81 -34.25 -12.34
N TYR A 67 -6.44 -33.43 -11.35
CA TYR A 67 -7.06 -33.47 -10.04
C TYR A 67 -7.84 -32.17 -9.80
N ALA A 68 -9.05 -32.32 -9.29
CA ALA A 68 -9.92 -31.19 -8.99
C ALA A 68 -10.16 -31.13 -7.49
N ASP A 69 -9.52 -30.18 -6.82
CA ASP A 69 -9.67 -30.01 -5.38
C ASP A 69 -10.65 -28.87 -5.11
N SER A 70 -11.65 -29.13 -4.29
CA SER A 70 -12.69 -28.16 -3.99
C SER A 70 -12.88 -28.03 -2.48
N PHE A 71 -13.05 -26.79 -2.03
CA PHE A 71 -13.29 -26.49 -0.62
C PHE A 71 -13.85 -25.08 -0.52
N VAL A 72 -14.03 -24.60 0.71
CA VAL A 72 -14.60 -23.30 0.99
C VAL A 72 -13.72 -22.58 2.01
N ILE A 73 -13.39 -21.32 1.71
CA ILE A 73 -12.70 -20.43 2.64
C ILE A 73 -13.38 -19.08 2.58
N ARG A 74 -12.71 -18.04 3.08
CA ARG A 74 -13.24 -16.68 2.99
C ARG A 74 -12.36 -15.83 2.09
N GLY A 75 -12.90 -14.66 1.70
CA GLY A 75 -12.26 -13.86 0.67
C GLY A 75 -10.85 -13.43 1.02
N ASP A 76 -10.60 -13.17 2.31
CA ASP A 76 -9.26 -12.83 2.76
C ASP A 76 -8.26 -13.93 2.49
N GLU A 77 -8.71 -15.17 2.37
CA GLU A 77 -7.83 -16.33 2.29
C GLU A 77 -7.74 -16.93 0.90
N VAL A 78 -8.43 -16.36 -0.10
CA VAL A 78 -8.30 -16.88 -1.46
C VAL A 78 -6.90 -16.63 -1.99
N ARG A 79 -6.29 -15.51 -1.60
CA ARG A 79 -4.91 -15.21 -2.01
C ARG A 79 -3.91 -16.22 -1.45
N GLN A 80 -4.30 -17.00 -0.43
CA GLN A 80 -3.41 -17.99 0.15
C GLN A 80 -3.38 -19.29 -0.64
N ILE A 81 -4.31 -19.50 -1.56
CA ILE A 81 -4.33 -20.72 -2.39
C ILE A 81 -3.45 -20.42 -3.60
N ALA A 82 -2.15 -20.43 -3.36
CA ALA A 82 -1.16 -20.11 -4.39
C ALA A 82 0.20 -20.60 -3.92
N PRO A 83 1.11 -20.90 -4.82
CA PRO A 83 2.45 -21.33 -4.40
C PRO A 83 3.19 -20.23 -3.66
N GLY A 84 3.94 -20.63 -2.63
CA GLY A 84 4.75 -19.69 -1.89
C GLY A 84 4.00 -18.77 -0.96
N GLN A 85 2.86 -19.23 -0.43
CA GLN A 85 2.06 -18.44 0.49
C GLN A 85 2.14 -19.02 1.89
N THR A 86 1.87 -18.17 2.87
CA THR A 86 1.81 -18.57 4.27
C THR A 86 0.54 -18.01 4.90
N GLY A 87 0.14 -18.63 6.00
CA GLY A 87 -1.04 -18.24 6.73
C GLY A 87 -1.71 -19.46 7.32
N LYS A 88 -2.91 -19.25 7.88
CA LYS A 88 -3.65 -20.35 8.49
C LYS A 88 -4.02 -21.41 7.46
N ILE A 89 -4.48 -20.98 6.27
CA ILE A 89 -4.94 -21.93 5.28
C ILE A 89 -3.76 -22.61 4.58
N ALA A 90 -2.74 -21.83 4.21
CA ALA A 90 -1.62 -22.38 3.46
C ALA A 90 -0.76 -23.31 4.30
N ASP A 91 -0.67 -23.06 5.61
CA ASP A 91 0.21 -23.85 6.47
C ASP A 91 -0.49 -25.01 7.14
N TYR A 92 -1.78 -24.87 7.47
CA TYR A 92 -2.47 -25.87 8.27
C TYR A 92 -3.65 -26.53 7.55
N ASN A 93 -3.98 -26.12 6.33
CA ASN A 93 -5.18 -26.64 5.69
C ASN A 93 -4.93 -27.16 4.28
N TYR A 94 -4.38 -26.31 3.41
CA TYR A 94 -4.20 -26.68 2.01
C TYR A 94 -2.97 -25.96 1.47
N LYS A 95 -1.92 -26.70 1.16
CA LYS A 95 -0.66 -26.15 0.68
C LYS A 95 -0.43 -26.56 -0.76
N LEU A 96 -0.02 -25.60 -1.58
CA LEU A 96 0.38 -25.85 -2.96
C LEU A 96 1.90 -25.84 -3.08
N PRO A 97 2.47 -26.70 -3.92
CA PRO A 97 3.92 -26.72 -4.09
C PRO A 97 4.40 -25.48 -4.83
N ASP A 98 5.71 -25.21 -4.70
CA ASP A 98 6.28 -24.02 -5.31
C ASP A 98 6.26 -24.11 -6.84
N ASP A 99 6.41 -25.31 -7.39
CA ASP A 99 6.32 -25.53 -8.83
C ASP A 99 4.92 -25.99 -9.24
N PHE A 100 3.90 -25.42 -8.62
CA PHE A 100 2.51 -25.82 -8.89
C PHE A 100 2.14 -25.49 -10.33
N THR A 101 1.58 -26.49 -11.03
CA THR A 101 1.07 -26.32 -12.39
C THR A 101 -0.42 -26.58 -12.36
N GLY A 102 -1.21 -25.52 -12.52
CA GLY A 102 -2.65 -25.64 -12.52
C GLY A 102 -3.29 -24.28 -12.31
N CYS A 103 -4.60 -24.33 -12.06
CA CYS A 103 -5.39 -23.12 -11.88
C CYS A 103 -6.10 -23.13 -10.54
N VAL A 104 -6.30 -21.93 -10.00
CA VAL A 104 -7.04 -21.72 -8.76
C VAL A 104 -8.26 -20.88 -9.10
N ILE A 105 -9.44 -21.51 -9.09
CA ILE A 105 -10.68 -20.86 -9.49
C ILE A 105 -11.55 -20.67 -8.26
N ALA A 106 -12.04 -19.45 -8.06
CA ALA A 106 -12.82 -19.11 -6.87
C ALA A 106 -13.93 -18.14 -7.24
N TRP A 107 -15.05 -18.25 -6.52
CA TRP A 107 -16.19 -17.36 -6.71
C TRP A 107 -16.93 -17.22 -5.39
N ASN A 108 -17.59 -16.08 -5.22
CA ASN A 108 -18.33 -15.81 -3.99
C ASN A 108 -19.52 -16.74 -3.87
N SER A 109 -19.71 -17.32 -2.69
CA SER A 109 -20.80 -18.24 -2.42
C SER A 109 -21.59 -17.80 -1.19
N ASN A 110 -21.80 -16.49 -1.06
CA ASN A 110 -22.58 -15.99 0.08
C ASN A 110 -24.04 -16.39 -0.03
N ASN A 111 -24.57 -16.48 -1.25
CA ASN A 111 -25.95 -16.88 -1.44
C ASN A 111 -26.19 -18.34 -1.12
N LEU A 112 -25.14 -19.16 -1.06
CA LEU A 112 -25.26 -20.59 -0.82
C LEU A 112 -24.79 -21.04 0.55
N ASP A 113 -23.69 -20.48 1.05
CA ASP A 113 -23.03 -20.99 2.26
C ASP A 113 -23.19 -20.04 3.45
N SER A 114 -24.28 -19.28 3.50
CA SER A 114 -24.55 -18.39 4.62
C SER A 114 -25.97 -18.61 5.12
N LYS A 115 -26.13 -18.59 6.44
CA LYS A 115 -27.42 -18.73 7.09
C LYS A 115 -27.63 -17.55 8.03
N VAL A 116 -28.91 -17.24 8.28
CA VAL A 116 -29.23 -16.07 9.11
C VAL A 116 -28.68 -16.25 10.52
N GLY A 117 -28.69 -17.48 11.03
CA GLY A 117 -28.07 -17.76 12.31
C GLY A 117 -26.58 -17.98 12.26
N GLY A 118 -25.97 -17.79 11.09
CA GLY A 118 -24.56 -18.05 10.90
C GLY A 118 -24.30 -19.49 10.49
N ASN A 119 -23.61 -19.68 9.38
CA ASN A 119 -23.25 -21.03 8.95
C ASN A 119 -22.02 -21.49 9.72
N TYR A 120 -22.14 -22.61 10.42
CA TYR A 120 -21.02 -23.13 11.21
C TYR A 120 -20.72 -24.58 10.86
N ASN A 121 -20.94 -24.95 9.59
CA ASN A 121 -20.58 -26.27 9.10
C ASN A 121 -19.20 -26.29 8.46
N TYR A 122 -18.74 -25.15 7.95
CA TYR A 122 -17.42 -25.05 7.33
C TYR A 122 -16.38 -24.75 8.39
N LEU A 123 -15.39 -25.62 8.51
CA LEU A 123 -14.36 -25.51 9.52
C LEU A 123 -13.00 -25.28 8.88
N TYR A 124 -12.06 -24.81 9.69
CA TYR A 124 -10.67 -24.67 9.27
C TYR A 124 -9.77 -24.99 10.45
N ARG A 125 -8.57 -25.48 10.16
CA ARG A 125 -7.63 -25.85 11.19
C ARG A 125 -6.87 -24.61 11.69
N LEU A 126 -6.87 -24.42 13.01
CA LEU A 126 -6.24 -23.26 13.63
C LEU A 126 -4.81 -23.54 14.10
N PHE A 127 -4.54 -24.72 14.65
CA PHE A 127 -3.23 -25.07 15.14
C PHE A 127 -2.77 -26.39 14.54
N ARG A 128 -1.46 -26.57 14.48
CA ARG A 128 -0.84 -27.82 14.06
C ARG A 128 0.63 -27.77 14.45
N LYS A 129 1.17 -28.92 14.86
CA LYS A 129 2.56 -28.96 15.33
C LYS A 129 3.57 -28.74 14.21
N SER A 130 3.14 -28.78 12.95
CA SER A 130 4.05 -28.54 11.84
C SER A 130 3.23 -28.15 10.61
N ASN A 131 3.89 -27.47 9.68
CA ASN A 131 3.23 -27.06 8.46
C ASN A 131 2.92 -28.27 7.57
N LEU A 132 1.91 -28.10 6.72
CA LEU A 132 1.51 -29.14 5.81
C LEU A 132 2.46 -29.23 4.62
N LYS A 133 2.74 -30.46 4.19
CA LYS A 133 3.41 -30.68 2.93
C LYS A 133 2.43 -30.39 1.79
N PRO A 134 2.93 -30.11 0.58
CA PRO A 134 2.04 -29.85 -0.55
C PRO A 134 1.08 -31.02 -0.79
N PHE A 135 -0.20 -30.69 -0.94
CA PHE A 135 -1.27 -31.65 -1.19
C PHE A 135 -1.41 -32.66 -0.04
N GLU A 136 -1.18 -32.20 1.19
CA GLU A 136 -1.40 -33.03 2.37
C GLU A 136 -2.76 -32.68 2.99
N ARG A 137 -3.42 -33.70 3.54
CA ARG A 137 -4.77 -33.57 4.08
C ARG A 137 -4.78 -34.14 5.49
N ASP A 138 -4.97 -33.27 6.49
CA ASP A 138 -5.05 -33.67 7.88
C ASP A 138 -6.48 -33.49 8.37
N ILE A 139 -7.08 -34.57 8.86
CA ILE A 139 -8.44 -34.55 9.36
C ILE A 139 -8.51 -34.93 10.83
N SER A 140 -7.35 -35.10 11.48
CA SER A 140 -7.33 -35.50 12.89
C SER A 140 -7.87 -34.39 13.76
N THR A 141 -8.53 -34.78 14.85
CA THR A 141 -9.11 -33.85 15.81
C THR A 141 -8.44 -34.00 17.17
N GLU A 142 -7.12 -34.23 17.18
CA GLU A 142 -6.39 -34.33 18.43
C GLU A 142 -6.20 -32.95 19.05
N ILE A 143 -6.24 -32.90 20.38
CA ILE A 143 -6.10 -31.64 21.09
C ILE A 143 -4.69 -31.11 20.92
N TYR A 144 -4.57 -29.83 20.56
CA TYR A 144 -3.28 -29.21 20.33
C TYR A 144 -2.66 -28.78 21.65
N GLN A 145 -1.45 -29.26 21.93
CA GLN A 145 -0.74 -28.92 23.16
C GLN A 145 0.10 -27.67 22.91
N ALA A 146 -0.35 -26.55 23.46
CA ALA A 146 0.33 -25.27 23.27
C ALA A 146 1.32 -24.95 24.38
N GLY A 147 1.30 -25.68 25.49
CA GLY A 147 2.18 -25.41 26.59
C GLY A 147 3.03 -26.59 27.01
N SER A 148 3.69 -26.47 28.17
CA SER A 148 4.53 -27.56 28.65
C SER A 148 3.69 -28.76 29.09
N THR A 149 2.58 -28.50 29.77
CA THR A 149 1.76 -29.58 30.30
C THR A 149 1.08 -30.34 29.16
N PRO A 150 1.03 -31.67 29.25
CA PRO A 150 0.40 -32.44 28.16
C PRO A 150 -1.07 -32.75 28.42
N CYS A 151 -1.92 -32.48 27.44
CA CYS A 151 -3.34 -32.78 27.56
C CYS A 151 -3.58 -34.26 27.29
N ASN A 152 -4.53 -34.84 28.02
CA ASN A 152 -4.93 -36.22 27.80
C ASN A 152 -6.23 -36.28 26.99
N GLY A 153 -6.18 -35.68 25.80
CA GLY A 153 -7.37 -35.56 24.99
C GLY A 153 -8.43 -34.66 25.61
N VAL A 154 -8.04 -33.82 26.56
CA VAL A 154 -8.96 -32.93 27.26
C VAL A 154 -8.64 -31.50 26.84
N GLU A 155 -9.69 -30.69 26.68
CA GLU A 155 -9.55 -29.31 26.28
C GLU A 155 -9.46 -28.43 27.52
N GLY A 156 -8.43 -27.58 27.56
CA GLY A 156 -8.23 -26.73 28.72
C GLY A 156 -7.06 -25.77 28.60
N PHE A 157 -6.40 -25.51 29.72
CA PHE A 157 -5.31 -24.52 29.78
C PHE A 157 -4.18 -24.92 28.85
N ASN A 158 -3.91 -24.06 27.85
CA ASN A 158 -2.90 -24.32 26.82
C ASN A 158 -3.16 -25.65 26.13
N CYS A 159 -4.44 -25.96 25.93
CA CYS A 159 -4.87 -27.21 25.27
C CYS A 159 -6.10 -26.87 24.45
N TYR A 160 -5.92 -26.72 23.14
CA TYR A 160 -6.95 -26.22 22.25
C TYR A 160 -7.48 -27.30 21.33
N PHE A 161 -8.78 -27.28 21.08
CA PHE A 161 -9.34 -28.05 20.00
C PHE A 161 -8.87 -27.45 18.68
N PRO A 162 -8.36 -28.25 17.74
CA PRO A 162 -7.62 -27.69 16.59
C PRO A 162 -8.48 -27.10 15.50
N LEU A 163 -9.80 -27.29 15.52
CA LEU A 163 -10.67 -26.84 14.44
C LEU A 163 -11.59 -25.73 14.93
N GLN A 164 -11.58 -24.60 14.23
CA GLN A 164 -12.51 -23.50 14.47
C GLN A 164 -13.43 -23.34 13.26
N SER A 165 -14.62 -22.82 13.52
CA SER A 165 -15.64 -22.67 12.51
C SER A 165 -15.64 -21.25 11.95
N TYR A 166 -15.95 -21.14 10.66
CA TYR A 166 -16.18 -19.84 10.06
C TYR A 166 -17.54 -19.30 10.50
N GLY A 167 -17.63 -17.98 10.63
CA GLY A 167 -18.88 -17.34 11.02
C GLY A 167 -19.61 -16.74 9.84
N PHE A 168 -19.95 -17.58 8.86
CA PHE A 168 -20.54 -17.09 7.62
C PHE A 168 -21.97 -16.62 7.80
N GLN A 169 -22.14 -15.33 8.10
CA GLN A 169 -23.47 -14.73 8.09
C GLN A 169 -23.64 -13.86 6.85
N PRO A 170 -24.85 -13.77 6.30
CA PRO A 170 -25.04 -13.00 5.06
C PRO A 170 -24.64 -11.54 5.18
N THR A 171 -24.61 -10.99 6.38
CA THR A 171 -24.28 -9.59 6.59
C THR A 171 -22.78 -9.34 6.72
N ASN A 172 -21.95 -10.37 6.62
CA ASN A 172 -20.51 -10.18 6.70
C ASN A 172 -20.03 -9.34 5.52
N GLY A 173 -18.95 -8.60 5.75
CA GLY A 173 -18.34 -7.84 4.68
C GLY A 173 -17.55 -8.72 3.73
N VAL A 174 -17.26 -8.17 2.55
CA VAL A 174 -16.48 -8.89 1.56
C VAL A 174 -15.13 -9.24 2.16
N GLY A 175 -14.76 -10.51 2.05
CA GLY A 175 -13.57 -11.05 2.70
C GLY A 175 -13.90 -11.95 3.87
N TYR A 176 -15.05 -11.78 4.49
CA TYR A 176 -15.55 -12.71 5.49
C TYR A 176 -16.74 -13.53 5.01
N GLN A 177 -17.32 -13.18 3.86
CA GLN A 177 -18.29 -14.06 3.23
C GLN A 177 -17.56 -15.23 2.56
N PRO A 178 -18.23 -16.36 2.42
CA PRO A 178 -17.55 -17.56 1.90
C PRO A 178 -17.29 -17.49 0.41
N TYR A 179 -16.21 -18.16 0.00
CA TYR A 179 -15.86 -18.34 -1.40
C TYR A 179 -15.60 -19.81 -1.64
N ARG A 180 -16.21 -20.35 -2.70
CA ARG A 180 -15.93 -21.72 -3.11
C ARG A 180 -14.75 -21.72 -4.07
N VAL A 181 -13.82 -22.65 -3.85
CA VAL A 181 -12.55 -22.69 -4.57
C VAL A 181 -12.40 -24.06 -5.22
N VAL A 182 -12.00 -24.07 -6.48
CA VAL A 182 -11.64 -25.30 -7.19
C VAL A 182 -10.21 -25.16 -7.68
N VAL A 183 -9.39 -26.16 -7.35
CA VAL A 183 -7.98 -26.16 -7.73
C VAL A 183 -7.75 -27.32 -8.70
N LEU A 184 -7.54 -26.99 -9.97
CA LEU A 184 -7.19 -27.98 -10.97
C LEU A 184 -5.68 -28.11 -11.04
N SER A 185 -5.18 -29.34 -10.90
CA SER A 185 -3.76 -29.62 -11.00
C SER A 185 -3.53 -30.66 -12.09
N PHE A 186 -2.42 -30.51 -12.81
CA PHE A 186 -2.10 -31.36 -13.96
C PHE A 186 -0.80 -32.09 -13.70
N GLU A 187 -0.77 -33.39 -13.98
CA GLU A 187 0.45 -34.18 -13.91
C GLU A 187 0.67 -34.88 -15.24
N LEU A 188 1.95 -35.07 -15.58
CA LEU A 188 2.33 -35.75 -16.82
C LEU A 188 3.48 -36.69 -16.49
N LEU A 189 3.19 -37.98 -16.48
CA LEU A 189 4.16 -39.01 -16.14
C LEU A 189 4.61 -39.73 -17.42
N HIS A 190 5.51 -40.70 -17.24
CA HIS A 190 5.88 -41.62 -18.31
C HIS A 190 4.87 -42.77 -18.34
N ALA A 191 3.61 -42.39 -18.54
CA ALA A 191 2.48 -43.30 -18.52
C ALA A 191 1.45 -42.80 -19.51
N PRO A 192 0.52 -43.65 -19.95
CA PRO A 192 -0.48 -43.20 -20.93
C PRO A 192 -1.30 -42.03 -20.42
N ALA A 193 -1.70 -41.17 -21.35
CA ALA A 193 -2.54 -40.03 -21.05
C ALA A 193 -4.00 -40.37 -21.26
N THR A 194 -4.85 -39.92 -20.34
CA THR A 194 -6.28 -40.21 -20.40
C THR A 194 -7.15 -38.96 -20.43
N VAL A 195 -6.60 -37.78 -20.15
CA VAL A 195 -7.36 -36.53 -20.15
C VAL A 195 -6.80 -35.66 -21.27
N CYS A 196 -7.56 -35.53 -22.34
CA CYS A 196 -7.15 -34.74 -23.50
C CYS A 196 -8.20 -33.69 -23.81
N GLY A 197 -7.80 -32.70 -24.59
CA GLY A 197 -8.73 -31.70 -25.10
C GLY A 197 -9.49 -32.22 -26.29
N PRO A 198 -10.53 -31.47 -26.68
CA PRO A 198 -11.36 -31.90 -27.81
C PRO A 198 -10.64 -31.86 -29.15
N LYS A 199 -9.52 -31.17 -29.26
CA LYS A 199 -8.79 -31.10 -30.52
C LYS A 199 -8.07 -32.41 -30.81
N THR B 1 -9.03 -14.91 -33.13
CA THR B 1 -7.99 -14.64 -32.15
C THR B 1 -8.54 -14.82 -30.74
N GLN B 2 -7.68 -15.30 -29.83
CA GLN B 2 -8.10 -15.48 -28.44
C GLN B 2 -8.05 -14.18 -27.66
N MET B 3 -7.08 -13.32 -27.95
CA MET B 3 -6.92 -12.07 -27.22
C MET B 3 -6.12 -11.09 -28.06
N GLN B 4 -6.53 -9.83 -28.05
CA GLN B 4 -5.80 -8.75 -28.68
C GLN B 4 -5.63 -7.61 -27.70
N LEU B 5 -4.42 -7.05 -27.65
CA LEU B 5 -4.08 -5.98 -26.70
C LEU B 5 -3.91 -4.68 -27.48
N VAL B 6 -4.84 -3.76 -27.29
CA VAL B 6 -4.73 -2.42 -27.87
C VAL B 6 -4.10 -1.51 -26.83
N GLN B 7 -3.22 -0.61 -27.29
CA GLN B 7 -2.49 0.28 -26.40
C GLN B 7 -2.81 1.73 -26.73
N SER B 8 -2.63 2.59 -25.74
CA SER B 8 -2.89 4.02 -25.91
C SER B 8 -1.90 4.62 -26.91
N GLY B 9 -2.21 5.84 -27.34
CA GLY B 9 -1.46 6.48 -28.39
C GLY B 9 -0.08 6.97 -27.96
N THR B 10 0.62 7.57 -28.91
CA THR B 10 1.95 8.10 -28.67
C THR B 10 1.89 9.30 -27.73
N GLU B 11 2.86 9.39 -26.83
CA GLU B 11 2.89 10.42 -25.81
C GLU B 11 4.15 11.27 -25.95
N VAL B 12 3.96 12.58 -26.05
CA VAL B 12 5.04 13.56 -26.01
C VAL B 12 4.85 14.38 -24.74
N LYS B 13 5.69 14.15 -23.75
CA LYS B 13 5.58 14.79 -22.45
C LYS B 13 6.85 15.57 -22.13
N LYS B 14 6.77 16.40 -21.09
CA LYS B 14 7.84 17.24 -20.57
C LYS B 14 8.45 16.61 -19.34
N PRO B 15 9.74 16.84 -19.09
CA PRO B 15 10.38 16.29 -17.88
C PRO B 15 9.74 16.84 -16.62
N GLY B 16 9.27 15.92 -15.76
CA GLY B 16 8.62 16.25 -14.52
C GLY B 16 7.12 15.95 -14.51
N GLU B 17 6.49 15.96 -15.68
CA GLU B 17 5.06 15.67 -15.75
C GLU B 17 4.79 14.20 -15.46
N SER B 18 3.54 13.92 -15.09
CA SER B 18 3.08 12.56 -14.88
C SER B 18 2.49 12.01 -16.19
N LEU B 19 2.34 10.68 -16.23
CA LEU B 19 1.86 10.02 -17.43
C LEU B 19 1.24 8.68 -17.04
N LYS B 20 0.14 8.33 -17.72
CA LYS B 20 -0.50 7.04 -17.52
C LYS B 20 -0.92 6.50 -18.87
N ILE B 21 -0.31 5.39 -19.29
CA ILE B 21 -0.64 4.73 -20.54
C ILE B 21 -1.42 3.46 -20.23
N SER B 22 -2.27 3.05 -21.18
CA SER B 22 -3.21 1.97 -20.96
C SER B 22 -2.95 0.82 -21.94
N CYS B 23 -3.58 -0.31 -21.64
CA CYS B 23 -3.46 -1.52 -22.44
C CYS B 23 -4.73 -2.33 -22.23
N LYS B 24 -5.63 -2.33 -23.21
CA LYS B 24 -6.94 -2.94 -23.08
C LYS B 24 -6.97 -4.27 -23.82
N GLY B 25 -7.35 -5.33 -23.11
CA GLY B 25 -7.47 -6.63 -23.73
C GLY B 25 -8.84 -6.80 -24.37
N SER B 26 -8.86 -7.20 -25.63
CA SER B 26 -10.09 -7.39 -26.39
C SER B 26 -10.23 -8.87 -26.73
N GLY B 27 -11.14 -9.54 -26.05
CA GLY B 27 -11.39 -10.95 -26.28
C GLY B 27 -11.98 -11.61 -25.05
N TYR B 28 -12.49 -12.81 -25.26
CA TYR B 28 -13.10 -13.58 -24.18
C TYR B 28 -12.02 -14.31 -23.37
N GLY B 29 -12.40 -14.70 -22.15
CA GLY B 29 -11.47 -15.38 -21.27
C GLY B 29 -10.42 -14.51 -20.65
N PHE B 30 -10.64 -13.19 -20.62
CA PHE B 30 -9.66 -12.26 -20.05
C PHE B 30 -9.45 -12.49 -18.56
N ILE B 31 -10.37 -13.20 -17.90
CA ILE B 31 -10.24 -13.45 -16.47
C ILE B 31 -8.97 -14.23 -16.17
N THR B 32 -8.46 -14.99 -17.14
CA THR B 32 -7.30 -15.83 -16.93
C THR B 32 -5.99 -15.15 -17.30
N TYR B 33 -6.03 -13.95 -17.88
CA TYR B 33 -4.84 -13.34 -18.46
C TYR B 33 -4.08 -12.51 -17.45
N TRP B 34 -2.75 -12.61 -17.51
CA TRP B 34 -1.84 -11.73 -16.79
C TRP B 34 -1.17 -10.81 -17.80
N ILE B 35 -1.12 -9.51 -17.48
CA ILE B 35 -0.57 -8.52 -18.39
C ILE B 35 0.75 -8.02 -17.83
N GLY B 36 1.80 -8.06 -18.66
CA GLY B 36 3.09 -7.52 -18.31
C GLY B 36 3.45 -6.31 -19.17
N TRP B 37 4.47 -5.59 -18.71
CA TRP B 37 4.97 -4.40 -19.38
C TRP B 37 6.45 -4.58 -19.67
N VAL B 38 6.83 -4.34 -20.93
CA VAL B 38 8.20 -4.47 -21.39
C VAL B 38 8.65 -3.13 -21.95
N ARG B 39 9.79 -2.64 -21.46
CA ARG B 39 10.39 -1.41 -21.96
C ARG B 39 11.49 -1.75 -22.96
N GLN B 40 11.52 -1.02 -24.07
CA GLN B 40 12.58 -1.16 -25.07
C GLN B 40 13.09 0.25 -25.39
N MET B 41 14.23 0.59 -24.82
CA MET B 41 14.85 1.88 -25.09
C MET B 41 15.31 1.94 -26.55
N PRO B 42 15.47 3.14 -27.11
CA PRO B 42 15.87 3.26 -28.52
C PRO B 42 17.17 2.53 -28.81
N GLY B 43 17.08 1.53 -29.69
CA GLY B 43 18.24 0.77 -30.11
C GLY B 43 18.75 -0.24 -29.11
N LYS B 44 18.00 -0.53 -28.05
CA LYS B 44 18.40 -1.46 -27.01
C LYS B 44 17.47 -2.67 -27.00
N GLY B 45 17.76 -3.60 -26.09
CA GLY B 45 17.01 -4.83 -25.99
C GLY B 45 15.70 -4.66 -25.24
N LEU B 46 15.18 -5.78 -24.75
CA LEU B 46 13.89 -5.82 -24.07
C LEU B 46 14.10 -5.95 -22.56
N GLU B 47 13.40 -5.10 -21.80
CA GLU B 47 13.45 -5.12 -20.35
C GLU B 47 12.05 -5.39 -19.82
N TRP B 48 11.90 -6.47 -19.06
CA TRP B 48 10.64 -6.80 -18.42
C TRP B 48 10.47 -5.95 -17.17
N MET B 49 9.43 -5.12 -17.16
CA MET B 49 9.21 -4.20 -16.04
C MET B 49 8.42 -4.86 -14.91
N GLY B 50 7.24 -5.38 -15.23
CA GLY B 50 6.43 -6.02 -14.22
C GLY B 50 5.26 -6.75 -14.85
N ILE B 51 4.38 -7.24 -13.99
CA ILE B 51 3.20 -7.99 -14.43
C ILE B 51 2.12 -7.81 -13.38
N ILE B 52 0.87 -7.91 -13.82
CA ILE B 52 -0.28 -7.73 -12.93
C ILE B 52 -1.40 -8.67 -13.36
N TYR B 53 -2.07 -9.26 -12.38
CA TYR B 53 -3.27 -10.05 -12.65
C TYR B 53 -4.48 -9.19 -12.36
N PRO B 54 -5.23 -8.74 -13.37
CA PRO B 54 -6.32 -7.79 -13.12
C PRO B 54 -7.43 -8.34 -12.23
N GLY B 55 -7.56 -9.66 -12.11
CA GLY B 55 -8.67 -10.22 -11.34
C GLY B 55 -8.63 -9.83 -9.87
N ASP B 56 -7.42 -9.76 -9.29
CA ASP B 56 -7.25 -9.32 -7.92
C ASP B 56 -6.11 -8.30 -7.77
N SER B 57 -5.55 -7.81 -8.88
CA SER B 57 -4.53 -6.76 -8.88
C SER B 57 -3.26 -7.20 -8.15
N GLU B 58 -2.95 -8.50 -8.17
CA GLU B 58 -1.63 -8.94 -7.72
C GLU B 58 -0.57 -8.40 -8.67
N THR B 59 0.44 -7.74 -8.11
CA THR B 59 1.43 -7.03 -8.92
C THR B 59 2.83 -7.44 -8.50
N ARG B 60 3.63 -7.87 -9.47
CA ARG B 60 5.04 -8.16 -9.26
C ARG B 60 5.87 -7.24 -10.14
N TYR B 61 6.97 -6.74 -9.60
CA TYR B 61 7.84 -5.81 -10.31
C TYR B 61 9.22 -6.41 -10.51
N SER B 62 9.91 -5.90 -11.52
CA SER B 62 11.33 -6.19 -11.65
C SER B 62 12.13 -5.30 -10.69
N PRO B 63 13.21 -5.82 -10.11
CA PRO B 63 14.00 -4.97 -9.19
C PRO B 63 14.50 -3.69 -9.82
N SER B 64 14.66 -3.65 -11.14
CA SER B 64 15.08 -2.44 -11.84
C SER B 64 13.97 -1.41 -11.96
N PHE B 65 12.72 -1.80 -11.72
CA PHE B 65 11.59 -0.89 -11.82
C PHE B 65 10.75 -0.81 -10.56
N GLN B 66 11.13 -1.51 -9.49
CA GLN B 66 10.41 -1.43 -8.23
C GLN B 66 10.46 -0.01 -7.69
N GLY B 67 9.29 0.58 -7.46
CA GLY B 67 9.19 1.93 -6.96
C GLY B 67 9.36 3.02 -7.99
N GLN B 68 9.82 2.70 -9.19
CA GLN B 68 9.98 3.70 -10.24
C GLN B 68 8.72 3.89 -11.07
N VAL B 69 7.90 2.84 -11.19
CA VAL B 69 6.63 2.90 -11.92
C VAL B 69 5.55 2.24 -11.08
N THR B 70 4.30 2.43 -11.49
CA THR B 70 3.15 1.86 -10.80
C THR B 70 2.27 1.17 -11.84
N ILE B 71 2.12 -0.14 -11.71
CA ILE B 71 1.33 -0.94 -12.63
C ILE B 71 -0.01 -1.24 -11.95
N SER B 72 -1.06 -0.58 -12.42
CA SER B 72 -2.42 -0.78 -11.92
C SER B 72 -3.26 -1.49 -12.98
N ALA B 73 -4.52 -1.74 -12.62
CA ALA B 73 -5.44 -2.41 -13.55
C ALA B 73 -6.87 -2.10 -13.15
N ASP B 74 -7.75 -2.10 -14.15
CA ASP B 74 -9.18 -1.89 -13.97
C ASP B 74 -9.87 -3.09 -14.59
N LYS B 75 -10.19 -4.10 -13.77
CA LYS B 75 -10.73 -5.35 -14.29
C LYS B 75 -12.12 -5.17 -14.90
N SER B 76 -12.81 -4.07 -14.61
CA SER B 76 -14.15 -3.86 -15.16
C SER B 76 -14.11 -3.51 -16.65
N ILE B 77 -12.96 -3.11 -17.18
CA ILE B 77 -12.86 -2.73 -18.58
C ILE B 77 -11.69 -3.44 -19.24
N ASN B 78 -11.19 -4.49 -18.60
CA ASN B 78 -10.10 -5.33 -19.14
C ASN B 78 -8.88 -4.50 -19.51
N THR B 79 -8.58 -3.49 -18.68
CA THR B 79 -7.51 -2.54 -18.98
C THR B 79 -6.45 -2.60 -17.88
N ALA B 80 -5.19 -2.66 -18.29
CA ALA B 80 -4.06 -2.54 -17.40
C ALA B 80 -3.33 -1.22 -17.67
N TYR B 81 -2.76 -0.65 -16.62
CA TYR B 81 -2.15 0.67 -16.71
C TYR B 81 -0.70 0.63 -16.27
N LEU B 82 0.09 1.55 -16.82
CA LEU B 82 1.48 1.77 -16.43
C LEU B 82 1.68 3.27 -16.34
N GLN B 83 2.09 3.76 -15.16
CA GLN B 83 2.12 5.19 -14.94
C GLN B 83 3.40 5.59 -14.21
N TRP B 84 3.86 6.80 -14.54
CA TRP B 84 4.94 7.48 -13.83
C TRP B 84 4.36 8.68 -13.07
N SER B 85 5.01 9.04 -11.97
CA SER B 85 4.69 10.26 -11.25
C SER B 85 5.56 11.44 -11.67
N SER B 86 6.84 11.20 -11.94
CA SER B 86 7.75 12.24 -12.40
C SER B 86 8.61 11.65 -13.51
N LEU B 87 8.38 12.11 -14.74
CA LEU B 87 9.08 11.57 -15.90
C LEU B 87 10.48 12.16 -16.01
N LYS B 88 11.46 11.29 -16.21
CA LYS B 88 12.82 11.70 -16.53
C LYS B 88 13.05 11.58 -18.03
N ALA B 89 14.13 12.23 -18.49
CA ALA B 89 14.52 12.06 -19.89
C ALA B 89 14.89 10.61 -20.19
N SER B 90 15.41 9.88 -19.19
CA SER B 90 15.77 8.48 -19.34
C SER B 90 14.57 7.55 -19.43
N ASP B 91 13.35 8.10 -19.46
CA ASP B 91 12.15 7.29 -19.64
C ASP B 91 11.70 7.23 -21.10
N THR B 92 12.39 7.93 -21.99
CA THR B 92 12.04 7.91 -23.41
C THR B 92 12.33 6.52 -23.97
N ALA B 93 11.28 5.80 -24.35
CA ALA B 93 11.40 4.45 -24.89
C ALA B 93 10.04 4.07 -25.47
N ILE B 94 9.98 2.86 -26.03
CA ILE B 94 8.72 2.26 -26.45
C ILE B 94 8.33 1.23 -25.41
N TYR B 95 7.04 1.19 -25.06
CA TYR B 95 6.54 0.34 -24.00
C TYR B 95 5.49 -0.61 -24.56
N TYR B 96 5.84 -1.90 -24.60
CA TYR B 96 4.92 -2.94 -25.02
C TYR B 96 4.24 -3.56 -23.81
N CYS B 97 2.93 -3.79 -23.93
CA CYS B 97 2.23 -4.63 -22.97
C CYS B 97 2.04 -6.01 -23.56
N ALA B 98 2.30 -7.03 -22.76
CA ALA B 98 2.24 -8.42 -23.21
C ALA B 98 1.35 -9.22 -22.27
N GLY B 99 0.54 -10.09 -22.84
CA GLY B 99 -0.36 -10.89 -22.05
C GLY B 99 -0.19 -12.38 -22.23
N GLY B 100 -0.73 -13.16 -21.29
CA GLY B 100 -0.68 -14.60 -21.36
C GLY B 100 -1.57 -15.22 -20.30
N SER B 101 -2.47 -16.11 -20.71
CA SER B 101 -3.36 -16.76 -19.76
C SER B 101 -2.55 -17.58 -18.76
N GLY B 102 -2.44 -17.08 -17.55
CA GLY B 102 -1.68 -17.74 -16.51
C GLY B 102 -0.39 -17.00 -16.19
N ILE B 103 0.21 -17.36 -15.06
CA ILE B 103 1.51 -16.85 -14.65
C ILE B 103 2.50 -17.99 -14.78
N SER B 104 3.77 -17.64 -15.02
CA SER B 104 4.79 -18.59 -15.45
C SER B 104 4.37 -19.28 -16.75
N THR B 105 3.83 -18.49 -17.66
CA THR B 105 3.41 -18.91 -18.99
C THR B 105 4.02 -17.96 -20.00
N PRO B 106 4.19 -18.39 -21.25
CA PRO B 106 4.77 -17.48 -22.26
C PRO B 106 3.85 -16.30 -22.54
N MET B 107 4.46 -15.13 -22.74
CA MET B 107 3.73 -13.95 -23.18
C MET B 107 3.48 -14.10 -24.68
N ASP B 108 2.28 -14.57 -25.03
CA ASP B 108 1.98 -14.95 -26.41
C ASP B 108 1.10 -13.93 -27.14
N VAL B 109 0.80 -12.80 -26.53
CA VAL B 109 0.07 -11.73 -27.20
C VAL B 109 0.74 -10.41 -26.83
N TRP B 110 0.90 -9.54 -27.81
CA TRP B 110 1.58 -8.26 -27.60
C TRP B 110 0.81 -7.15 -28.30
N GLY B 111 0.83 -5.97 -27.70
CA GLY B 111 0.37 -4.79 -28.38
C GLY B 111 1.44 -4.22 -29.28
N GLN B 112 1.03 -3.27 -30.13
CA GLN B 112 1.97 -2.67 -31.06
C GLN B 112 2.85 -1.61 -30.40
N GLY B 113 2.76 -1.44 -29.09
CA GLY B 113 3.67 -0.58 -28.36
C GLY B 113 3.17 0.84 -28.25
N THR B 114 3.61 1.51 -27.18
CA THR B 114 3.35 2.93 -26.96
C THR B 114 4.68 3.64 -26.81
N THR B 115 4.98 4.55 -27.73
CA THR B 115 6.23 5.29 -27.71
C THR B 115 6.06 6.55 -26.87
N VAL B 116 6.91 6.70 -25.85
CA VAL B 116 6.86 7.81 -24.92
C VAL B 116 8.09 8.69 -25.15
N THR B 117 7.87 9.99 -25.26
CA THR B 117 8.96 10.95 -25.47
C THR B 117 8.92 11.98 -24.35
N VAL B 118 9.99 12.02 -23.55
CA VAL B 118 10.10 12.98 -22.47
C VAL B 118 11.12 14.05 -22.86
N ALA B 119 10.70 14.98 -23.72
CA ALA B 119 11.51 16.11 -24.17
C ALA B 119 10.61 17.02 -24.98
N SER B 120 13.47 19.71 -24.17
CA SER B 120 12.84 20.70 -25.02
C SER B 120 13.10 20.38 -26.49
N THR B 121 12.31 21.02 -27.36
CA THR B 121 12.38 20.77 -28.79
C THR B 121 13.24 21.82 -29.48
N LYS B 122 13.71 21.45 -30.68
CA LYS B 122 14.47 22.39 -31.51
C LYS B 122 14.35 21.94 -32.96
N GLY B 123 14.04 22.89 -33.84
CA GLY B 123 13.94 22.60 -35.26
C GLY B 123 15.29 22.49 -35.91
N PRO B 124 15.37 21.68 -36.97
CA PRO B 124 16.65 21.45 -37.65
C PRO B 124 16.97 22.50 -38.71
N SER B 125 18.27 22.74 -38.87
CA SER B 125 18.78 23.52 -39.98
C SER B 125 19.10 22.58 -41.13
N VAL B 126 18.60 22.89 -42.32
CA VAL B 126 18.76 22.04 -43.49
C VAL B 126 19.73 22.72 -44.44
N PHE B 127 20.86 22.05 -44.71
CA PHE B 127 21.87 22.55 -45.61
C PHE B 127 22.03 21.62 -46.81
N PRO B 128 22.33 22.15 -47.99
CA PRO B 128 22.46 21.29 -49.18
C PRO B 128 23.84 20.67 -49.27
N LEU B 129 23.86 19.40 -49.68
CA LEU B 129 25.10 18.70 -50.03
C LEU B 129 25.14 18.64 -51.56
N ALA B 130 25.80 19.64 -52.16
CA ALA B 130 25.75 19.82 -53.60
C ALA B 130 26.69 18.84 -54.30
N PRO B 131 26.30 18.34 -55.47
CA PRO B 131 27.18 17.44 -56.22
C PRO B 131 28.33 18.20 -56.87
N SER B 132 29.44 17.49 -57.07
CA SER B 132 30.62 18.05 -57.69
C SER B 132 30.78 17.51 -59.10
N SER B 133 31.48 18.29 -59.93
CA SER B 133 31.71 17.92 -61.32
C SER B 133 33.09 17.32 -61.51
N GLY B 138 29.41 11.87 -67.32
CA GLY B 138 29.73 10.51 -67.70
C GLY B 138 28.90 9.45 -67.00
N GLY B 139 29.20 9.21 -65.73
CA GLY B 139 28.48 8.21 -64.97
C GLY B 139 27.34 8.77 -64.16
N THR B 140 27.37 8.56 -62.84
CA THR B 140 26.33 9.03 -61.94
C THR B 140 26.96 9.87 -60.84
N ALA B 141 26.24 10.92 -60.43
CA ALA B 141 26.68 11.83 -59.38
C ALA B 141 25.72 11.78 -58.20
N ALA B 142 26.24 12.08 -57.02
CA ALA B 142 25.48 12.01 -55.79
C ALA B 142 25.27 13.40 -55.19
N LEU B 143 24.15 13.55 -54.49
CA LEU B 143 23.80 14.80 -53.82
C LEU B 143 22.94 14.46 -52.62
N GLY B 144 22.78 15.43 -51.72
CA GLY B 144 22.01 15.17 -50.52
C GLY B 144 21.71 16.42 -49.74
N CYS B 145 21.14 16.21 -48.56
CA CYS B 145 20.78 17.28 -47.64
C CYS B 145 21.29 16.94 -46.24
N LEU B 146 21.82 17.94 -45.56
CA LEU B 146 22.30 17.79 -44.19
C LEU B 146 21.26 18.36 -43.23
N VAL B 147 20.68 17.49 -42.40
CA VAL B 147 19.69 17.86 -41.41
C VAL B 147 20.38 17.83 -40.05
N LYS B 148 20.66 19.01 -39.49
CA LYS B 148 21.57 19.14 -38.37
C LYS B 148 20.92 19.92 -37.24
N ASP B 149 21.23 19.51 -36.00
CA ASP B 149 20.87 20.21 -34.78
C ASP B 149 19.34 20.29 -34.61
N TYR B 150 18.77 19.13 -34.27
CA TYR B 150 17.35 19.04 -33.95
C TYR B 150 17.17 18.07 -32.80
N PHE B 151 16.05 18.25 -32.08
CA PHE B 151 15.69 17.36 -31.00
C PHE B 151 14.19 17.48 -30.78
N PRO B 152 13.47 16.36 -30.59
CA PRO B 152 14.03 15.00 -30.63
C PRO B 152 13.83 14.32 -31.97
N GLU B 153 14.19 13.03 -32.03
CA GLU B 153 13.82 12.21 -33.16
C GLU B 153 12.30 12.09 -33.22
N PRO B 154 11.73 11.86 -34.42
CA PRO B 154 12.42 11.72 -35.70
C PRO B 154 12.23 12.91 -36.64
N VAL B 155 13.00 12.92 -37.72
CA VAL B 155 12.75 13.78 -38.87
C VAL B 155 12.49 12.88 -40.07
N THR B 156 11.53 13.27 -40.89
CA THR B 156 11.18 12.53 -42.11
C THR B 156 11.66 13.33 -43.31
N VAL B 157 12.40 12.67 -44.20
CA VAL B 157 12.98 13.31 -45.37
C VAL B 157 12.53 12.55 -46.61
N SER B 158 12.03 13.29 -47.61
CA SER B 158 11.70 12.75 -48.91
C SER B 158 12.13 13.74 -49.97
N TRP B 159 12.27 13.25 -51.19
CA TRP B 159 12.81 14.04 -52.30
C TRP B 159 11.72 14.29 -53.35
N ASN B 160 11.69 15.52 -53.86
CA ASN B 160 10.72 15.95 -54.86
C ASN B 160 9.29 15.69 -54.39
N SER B 161 9.02 16.02 -53.12
CA SER B 161 7.72 15.81 -52.49
C SER B 161 7.29 14.35 -52.56
N GLY B 162 8.25 13.44 -52.44
CA GLY B 162 7.98 12.02 -52.49
C GLY B 162 8.01 11.39 -53.86
N ALA B 163 8.45 12.13 -54.89
CA ALA B 163 8.50 11.62 -56.25
C ALA B 163 9.87 11.05 -56.63
N LEU B 164 10.74 10.83 -55.65
CA LEU B 164 12.05 10.24 -55.93
C LEU B 164 12.44 9.39 -54.72
N THR B 165 12.08 8.11 -54.78
CA THR B 165 12.48 7.15 -53.76
C THR B 165 13.60 6.24 -54.22
N SER B 166 13.79 6.09 -55.54
CA SER B 166 14.78 5.16 -56.06
C SER B 166 16.19 5.67 -55.78
N GLY B 167 16.98 4.86 -55.06
CA GLY B 167 18.36 5.20 -54.81
C GLY B 167 18.58 6.25 -53.73
N VAL B 168 17.71 6.29 -52.72
CA VAL B 168 17.81 7.25 -51.63
C VAL B 168 18.30 6.53 -50.38
N HIS B 169 19.22 7.17 -49.66
CA HIS B 169 19.74 6.64 -48.40
C HIS B 169 19.65 7.75 -47.35
N THR B 170 18.64 7.67 -46.49
CA THR B 170 18.53 8.58 -45.35
C THR B 170 19.16 7.88 -44.15
N PHE B 171 20.28 8.41 -43.67
CA PHE B 171 21.06 7.74 -42.64
C PHE B 171 20.39 7.86 -41.28
N PRO B 172 20.55 6.86 -40.43
CA PRO B 172 20.08 6.98 -39.05
C PRO B 172 20.77 8.13 -38.33
N ALA B 173 20.01 8.83 -37.49
CA ALA B 173 20.55 9.99 -36.80
C ALA B 173 21.55 9.57 -35.74
N VAL B 174 22.53 10.44 -35.48
CA VAL B 174 23.50 10.25 -34.43
C VAL B 174 23.43 11.44 -33.48
N LEU B 175 23.63 11.17 -32.20
CA LEU B 175 23.56 12.21 -31.18
C LEU B 175 24.91 12.92 -31.11
N GLN B 176 24.94 14.19 -31.51
CA GLN B 176 26.15 14.98 -31.39
C GLN B 176 26.46 15.25 -29.93
N SER B 177 27.69 15.70 -29.66
CA SER B 177 28.10 16.01 -28.30
C SER B 177 27.37 17.21 -27.72
N SER B 178 26.64 17.97 -28.54
CA SER B 178 25.83 19.07 -28.05
C SER B 178 24.46 18.64 -27.58
N GLY B 179 24.15 17.34 -27.62
CA GLY B 179 22.84 16.86 -27.26
C GLY B 179 21.81 16.91 -28.37
N LEU B 180 22.18 17.42 -29.54
CA LEU B 180 21.28 17.53 -30.67
C LEU B 180 21.61 16.46 -31.71
N TYR B 181 20.61 16.08 -32.49
CA TYR B 181 20.77 15.06 -33.51
C TYR B 181 21.21 15.67 -34.83
N SER B 182 22.09 14.98 -35.54
CA SER B 182 22.49 15.31 -36.90
C SER B 182 22.19 14.14 -37.81
N LEU B 183 21.96 14.44 -39.08
CA LEU B 183 21.51 13.43 -40.03
C LEU B 183 21.76 13.92 -41.45
N SER B 184 22.04 12.97 -42.34
CA SER B 184 22.24 13.26 -43.75
C SER B 184 21.40 12.29 -44.58
N SER B 185 20.76 12.82 -45.62
CA SER B 185 20.01 12.02 -46.57
C SER B 185 20.55 12.30 -47.96
N VAL B 186 21.01 11.26 -48.65
CA VAL B 186 21.66 11.41 -49.95
C VAL B 186 20.94 10.55 -50.98
N VAL B 187 21.08 10.93 -52.24
CA VAL B 187 20.49 10.22 -53.37
C VAL B 187 21.46 10.30 -54.55
N THR B 188 21.61 9.18 -55.25
CA THR B 188 22.45 9.11 -56.44
C THR B 188 21.58 9.19 -57.68
N VAL B 189 21.99 10.02 -58.64
CA VAL B 189 21.23 10.24 -59.87
C VAL B 189 22.19 10.30 -61.04
N PRO B 190 21.69 10.04 -62.25
CA PRO B 190 22.54 10.19 -63.43
C PRO B 190 23.12 11.60 -63.54
N SER B 191 24.34 11.67 -64.06
CA SER B 191 25.07 12.95 -64.07
C SER B 191 24.43 13.96 -64.99
N SER B 192 23.79 13.50 -66.07
CA SER B 192 23.18 14.43 -67.02
C SER B 192 21.90 15.07 -66.48
N SER B 193 21.37 14.59 -65.36
CA SER B 193 20.15 15.14 -64.79
C SER B 193 20.38 16.47 -64.08
N LEU B 194 21.63 16.76 -63.69
CA LEU B 194 21.91 17.96 -62.90
C LEU B 194 21.64 19.25 -63.64
N GLY B 195 21.57 19.21 -64.97
CA GLY B 195 21.29 20.40 -65.74
C GLY B 195 19.82 20.63 -66.00
N THR B 196 19.01 19.58 -65.82
CA THR B 196 17.58 19.65 -66.12
C THR B 196 16.72 19.41 -64.88
N GLN B 197 16.81 18.24 -64.25
CA GLN B 197 15.90 17.88 -63.19
C GLN B 197 16.17 18.70 -61.92
N THR B 198 15.09 19.16 -61.31
CA THR B 198 15.16 19.88 -60.03
C THR B 198 15.14 18.89 -58.88
N TYR B 199 16.02 19.10 -57.91
CA TYR B 199 16.16 18.22 -56.76
C TYR B 199 15.85 19.00 -55.49
N ILE B 200 14.76 18.64 -54.82
CA ILE B 200 14.32 19.29 -53.59
C ILE B 200 14.18 18.21 -52.52
N CYS B 201 14.74 18.46 -51.35
CA CYS B 201 14.57 17.59 -50.19
C CYS B 201 13.58 18.23 -49.23
N ASN B 202 12.61 17.46 -48.76
CA ASN B 202 11.58 17.94 -47.86
C ASN B 202 11.85 17.36 -46.47
N VAL B 203 12.10 18.23 -45.51
CA VAL B 203 12.44 17.81 -44.14
C VAL B 203 11.30 18.23 -43.23
N ASN B 204 10.61 17.24 -42.68
CA ASN B 204 9.55 17.47 -41.71
C ASN B 204 10.05 17.12 -40.31
N HIS B 205 9.69 17.96 -39.33
CA HIS B 205 10.04 17.71 -37.92
C HIS B 205 8.79 18.03 -37.10
N LYS B 206 7.99 17.00 -36.84
CA LYS B 206 6.73 17.20 -36.13
C LYS B 206 6.89 17.84 -34.75
N PRO B 207 7.84 17.46 -33.89
CA PRO B 207 7.89 18.06 -32.55
C PRO B 207 8.04 19.56 -32.54
N SER B 208 8.71 20.13 -33.54
CA SER B 208 8.92 21.58 -33.60
C SER B 208 8.03 22.27 -34.62
N ASN B 209 7.17 21.53 -35.33
CA ASN B 209 6.25 22.08 -36.32
C ASN B 209 6.98 22.78 -37.46
N THR B 210 8.15 22.27 -37.83
CA THR B 210 8.96 22.85 -38.90
C THR B 210 8.91 21.96 -40.14
N LYS B 211 8.73 22.59 -41.29
CA LYS B 211 8.78 21.90 -42.58
C LYS B 211 9.63 22.73 -43.52
N VAL B 212 10.70 22.13 -44.02
CA VAL B 212 11.70 22.84 -44.84
C VAL B 212 11.82 22.12 -46.17
N ASP B 213 11.63 22.87 -47.26
CA ASP B 213 11.95 22.40 -48.60
C ASP B 213 13.24 23.09 -49.05
N LYS B 214 14.24 22.30 -49.40
CA LYS B 214 15.57 22.82 -49.71
C LYS B 214 15.93 22.51 -51.15
N LYS B 215 16.33 23.55 -51.89
CA LYS B 215 16.76 23.40 -53.27
C LYS B 215 18.23 22.98 -53.31
N VAL B 216 18.52 21.90 -54.03
CA VAL B 216 19.87 21.38 -54.18
C VAL B 216 20.28 21.52 -55.64
N GLU B 217 21.46 22.08 -55.86
CA GLU B 217 21.97 22.34 -57.20
C GLU B 217 23.48 22.48 -57.12
N PRO B 218 24.19 22.22 -58.22
CA PRO B 218 25.66 22.34 -58.18
C PRO B 218 26.08 23.78 -57.92
N LYS B 219 27.18 23.93 -57.18
CA LYS B 219 27.69 25.24 -56.82
C LYS B 219 28.42 25.84 -58.01
N SER B 220 27.85 26.89 -58.59
CA SER B 220 28.45 27.54 -59.77
C SER B 220 29.64 28.40 -59.39
N ASP C 1 16.52 -15.27 -8.65
CA ASP C 1 16.68 -14.36 -9.77
C ASP C 1 17.55 -14.99 -10.85
N ILE C 2 16.96 -15.23 -12.02
CA ILE C 2 17.60 -15.98 -13.10
C ILE C 2 18.09 -15.00 -14.16
N GLN C 3 19.32 -15.20 -14.62
CA GLN C 3 19.96 -14.34 -15.61
C GLN C 3 20.32 -15.16 -16.84
N LEU C 4 20.03 -14.61 -18.02
CA LEU C 4 20.24 -15.31 -19.29
C LEU C 4 21.34 -14.61 -20.10
N THR C 5 22.22 -15.42 -20.69
CA THR C 5 23.29 -14.93 -21.55
C THR C 5 23.21 -15.66 -22.88
N GLN C 6 23.00 -14.91 -23.96
CA GLN C 6 22.98 -15.48 -25.29
C GLN C 6 24.38 -15.47 -25.89
N SER C 7 24.56 -16.30 -26.94
CA SER C 7 25.81 -16.34 -27.68
C SER C 7 25.53 -17.03 -29.01
N PRO C 8 26.04 -16.51 -30.13
CA PRO C 8 26.85 -15.29 -30.19
C PRO C 8 25.99 -14.03 -30.21
N ASP C 9 26.63 -12.86 -30.13
CA ASP C 9 25.88 -11.61 -30.24
C ASP C 9 25.47 -11.34 -31.68
N SER C 10 26.33 -11.69 -32.63
CA SER C 10 26.05 -11.51 -34.06
C SER C 10 26.33 -12.81 -34.79
N LEU C 11 25.53 -13.09 -35.81
CA LEU C 11 25.62 -14.35 -36.54
C LEU C 11 25.31 -14.10 -38.00
N ALA C 12 26.24 -14.49 -38.88
CA ALA C 12 26.07 -14.38 -40.33
C ALA C 12 26.07 -15.78 -40.93
N VAL C 13 25.00 -16.13 -41.63
CA VAL C 13 24.82 -17.46 -42.19
C VAL C 13 24.29 -17.33 -43.61
N SER C 14 24.81 -18.15 -44.51
CA SER C 14 24.42 -18.09 -45.91
C SER C 14 23.00 -18.60 -46.11
N LEU C 15 22.39 -18.20 -47.23
CA LEU C 15 21.03 -18.61 -47.56
C LEU C 15 20.93 -20.13 -47.68
N GLY C 16 20.01 -20.71 -46.93
CA GLY C 16 19.78 -22.15 -46.97
C GLY C 16 20.58 -22.96 -45.97
N GLU C 17 21.45 -22.32 -45.19
CA GLU C 17 22.28 -23.02 -44.22
C GLU C 17 21.64 -22.97 -42.84
N ARG C 18 22.35 -23.50 -41.85
CA ARG C 18 21.81 -23.70 -40.51
C ARG C 18 22.38 -22.65 -39.57
N ALA C 19 21.50 -21.91 -38.91
CA ALA C 19 21.88 -20.94 -37.90
C ALA C 19 21.49 -21.48 -36.53
N THR C 20 22.41 -21.41 -35.58
CA THR C 20 22.19 -21.90 -34.23
C THR C 20 22.53 -20.81 -33.23
N ILE C 21 21.62 -20.55 -32.30
CA ILE C 21 21.81 -19.56 -31.24
C ILE C 21 21.76 -20.27 -29.91
N ASN C 22 22.70 -19.95 -29.03
CA ASN C 22 22.78 -20.57 -27.71
C ASN C 22 22.30 -19.61 -26.63
N CYS C 23 21.64 -20.16 -25.61
CA CYS C 23 21.12 -19.39 -24.49
C CYS C 23 21.50 -20.13 -23.20
N LYS C 24 22.22 -19.45 -22.32
CA LYS C 24 22.67 -20.04 -21.06
C LYS C 24 21.93 -19.38 -19.91
N SER C 25 21.34 -20.21 -19.04
CA SER C 25 20.65 -19.73 -17.85
C SER C 25 21.52 -19.97 -16.63
N SER C 26 21.52 -19.00 -15.71
CA SER C 26 22.27 -19.14 -14.47
C SER C 26 21.64 -20.17 -13.52
N GLN C 27 20.46 -20.68 -13.86
CA GLN C 27 19.75 -21.60 -12.97
C GLN C 27 18.83 -22.45 -13.82
N SER C 28 18.55 -23.67 -13.34
CA SER C 28 17.64 -24.56 -14.04
C SER C 28 16.25 -23.94 -14.14
N VAL C 29 15.51 -24.39 -15.16
CA VAL C 29 14.15 -23.89 -15.39
C VAL C 29 13.23 -25.07 -15.66
N LEU C 30 13.50 -26.20 -15.01
CA LEU C 30 12.79 -27.44 -15.25
C LEU C 30 11.70 -27.62 -14.19
N TYR C 31 10.44 -27.63 -14.63
CA TYR C 31 9.33 -27.99 -13.77
C TYR C 31 9.26 -29.51 -13.68
N SER C 32 9.18 -30.04 -12.46
CA SER C 32 9.20 -31.48 -12.27
C SER C 32 7.83 -32.11 -12.57
N SER C 33 6.75 -31.40 -12.22
CA SER C 33 5.41 -31.94 -12.42
C SER C 33 5.17 -32.33 -13.88
N ILE C 34 5.32 -31.37 -14.78
CA ILE C 34 5.34 -31.65 -16.22
C ILE C 34 6.78 -31.45 -16.68
N ASN C 35 7.43 -32.53 -17.08
CA ASN C 35 8.84 -32.49 -17.46
C ASN C 35 9.07 -31.56 -18.65
N LYS C 36 9.08 -30.25 -18.40
CA LYS C 36 9.26 -29.24 -19.43
C LYS C 36 10.12 -28.12 -18.90
N ASN C 37 11.01 -27.60 -19.75
CA ASN C 37 11.82 -26.44 -19.40
C ASN C 37 11.07 -25.17 -19.79
N TYR C 38 11.01 -24.22 -18.86
CA TYR C 38 10.24 -22.99 -19.08
C TYR C 38 11.13 -21.91 -19.69
N LEU C 39 11.43 -22.12 -20.97
CA LEU C 39 12.29 -21.24 -21.75
C LEU C 39 11.61 -20.94 -23.08
N ALA C 40 11.60 -19.68 -23.48
CA ALA C 40 10.95 -19.26 -24.71
C ALA C 40 11.94 -18.54 -25.62
N TRP C 41 11.59 -18.47 -26.90
CA TRP C 41 12.39 -17.78 -27.91
C TRP C 41 11.52 -16.78 -28.64
N TYR C 42 11.99 -15.55 -28.77
CA TYR C 42 11.27 -14.48 -29.43
C TYR C 42 12.08 -13.93 -30.59
N GLN C 43 11.36 -13.43 -31.60
CA GLN C 43 11.94 -12.73 -32.73
C GLN C 43 11.37 -11.33 -32.79
N GLN C 44 12.22 -10.34 -33.03
CA GLN C 44 11.78 -8.96 -33.17
C GLN C 44 12.42 -8.32 -34.38
N LYS C 45 11.63 -7.54 -35.11
CA LYS C 45 12.06 -6.77 -36.26
C LYS C 45 11.77 -5.30 -36.03
N PRO C 46 12.45 -4.39 -36.75
CA PRO C 46 12.26 -2.96 -36.50
C PRO C 46 10.80 -2.54 -36.63
N GLY C 47 10.36 -1.69 -35.69
CA GLY C 47 9.02 -1.17 -35.69
C GLY C 47 7.94 -2.21 -35.45
N GLN C 48 8.27 -3.34 -34.85
CA GLN C 48 7.33 -4.43 -34.65
C GLN C 48 7.47 -4.97 -33.24
N PRO C 49 6.37 -5.46 -32.66
CA PRO C 49 6.45 -6.09 -31.34
C PRO C 49 7.10 -7.45 -31.43
N PRO C 50 7.66 -7.95 -30.33
CA PRO C 50 8.30 -9.27 -30.37
C PRO C 50 7.30 -10.36 -30.75
N LYS C 51 7.78 -11.35 -31.50
CA LYS C 51 6.97 -12.46 -31.95
C LYS C 51 7.43 -13.73 -31.24
N LEU C 52 6.50 -14.43 -30.60
CA LEU C 52 6.82 -15.68 -29.94
C LEU C 52 7.01 -16.77 -30.97
N LEU C 53 8.18 -17.40 -30.97
CA LEU C 53 8.49 -18.48 -31.89
C LEU C 53 8.40 -19.85 -31.23
N ILE C 54 9.04 -20.01 -30.07
CA ILE C 54 9.16 -21.31 -29.41
C ILE C 54 8.96 -21.11 -27.91
N TYR C 55 8.17 -21.98 -27.30
CA TYR C 55 8.00 -22.02 -25.86
C TYR C 55 8.22 -23.45 -25.38
N TRP C 56 8.32 -23.60 -24.06
CA TRP C 56 8.66 -24.88 -23.43
C TRP C 56 9.92 -25.47 -24.05
N ALA C 57 10.87 -24.58 -24.36
CA ALA C 57 12.19 -24.91 -24.89
C ALA C 57 12.16 -25.47 -26.31
N SER C 58 11.09 -26.19 -26.69
CA SER C 58 11.12 -26.91 -27.96
C SER C 58 9.74 -27.09 -28.59
N THR C 59 8.78 -26.21 -28.28
CA THR C 59 7.45 -26.28 -28.88
C THR C 59 7.21 -25.04 -29.73
N ARG C 60 6.75 -25.27 -30.96
CA ARG C 60 6.60 -24.18 -31.93
C ARG C 60 5.26 -23.48 -31.73
N GLU C 61 5.31 -22.15 -31.67
CA GLU C 61 4.09 -21.34 -31.63
C GLU C 61 3.45 -21.30 -33.02
N SER C 62 2.14 -21.03 -33.04
CA SER C 62 1.42 -20.93 -34.30
C SER C 62 2.04 -19.85 -35.20
N GLY C 63 1.94 -20.07 -36.51
CA GLY C 63 2.45 -19.12 -37.48
C GLY C 63 3.96 -19.09 -37.60
N VAL C 64 4.64 -20.12 -37.15
CA VAL C 64 6.10 -20.21 -37.20
C VAL C 64 6.48 -21.29 -38.20
N PRO C 65 7.40 -21.02 -39.13
CA PRO C 65 7.77 -22.04 -40.12
C PRO C 65 8.40 -23.26 -39.46
N ASP C 66 8.33 -24.38 -40.17
CA ASP C 66 8.87 -25.64 -39.66
C ASP C 66 10.38 -25.58 -39.43
N ARG C 67 11.08 -24.65 -40.08
CA ARG C 67 12.53 -24.58 -39.99
C ARG C 67 13.02 -24.03 -38.66
N PHE C 68 12.14 -23.44 -37.85
CA PHE C 68 12.50 -23.04 -36.49
C PHE C 68 12.32 -24.21 -35.54
N SER C 69 13.36 -24.50 -34.76
CA SER C 69 13.29 -25.59 -33.80
C SER C 69 14.15 -25.24 -32.59
N GLY C 70 13.66 -25.63 -31.41
CA GLY C 70 14.39 -25.40 -30.18
C GLY C 70 14.78 -26.69 -29.51
N SER C 71 15.79 -26.65 -28.65
CA SER C 71 16.25 -27.84 -27.94
C SER C 71 16.98 -27.39 -26.68
N GLY C 72 17.45 -28.37 -25.93
CA GLY C 72 18.22 -28.11 -24.72
C GLY C 72 17.51 -28.61 -23.48
N SER C 73 18.27 -28.63 -22.39
CA SER C 73 17.77 -29.04 -21.09
C SER C 73 18.69 -28.49 -20.02
N GLY C 74 18.12 -28.30 -18.83
CA GLY C 74 18.90 -27.78 -17.72
C GLY C 74 19.24 -26.31 -17.85
N THR C 75 20.45 -26.01 -18.32
CA THR C 75 20.92 -24.63 -18.42
C THR C 75 21.36 -24.23 -19.83
N ASP C 76 21.49 -25.18 -20.75
CA ASP C 76 21.89 -24.87 -22.13
C ASP C 76 20.71 -25.10 -23.06
N PHE C 77 20.37 -24.08 -23.84
CA PHE C 77 19.28 -24.14 -24.79
C PHE C 77 19.74 -23.60 -26.14
N THR C 78 19.06 -24.04 -27.20
CA THR C 78 19.49 -23.76 -28.56
C THR C 78 18.31 -23.47 -29.45
N LEU C 79 18.36 -22.35 -30.16
CA LEU C 79 17.43 -22.04 -31.23
C LEU C 79 18.11 -22.31 -32.56
N THR C 80 17.48 -23.11 -33.41
CA THR C 80 18.08 -23.57 -34.66
C THR C 80 17.19 -23.17 -35.83
N ILE C 81 17.71 -22.30 -36.70
CA ILE C 81 17.04 -21.92 -37.93
C ILE C 81 17.73 -22.67 -39.06
N SER C 82 17.18 -23.81 -39.45
CA SER C 82 17.67 -24.54 -40.60
C SER C 82 17.13 -23.91 -41.87
N SER C 83 17.94 -23.95 -42.93
CA SER C 83 17.58 -23.34 -44.22
C SER C 83 17.20 -21.87 -44.03
N LEU C 84 18.19 -21.09 -43.61
CA LEU C 84 17.97 -19.67 -43.33
C LEU C 84 17.44 -18.95 -44.55
N GLN C 85 16.43 -18.11 -44.35
CA GLN C 85 15.77 -17.40 -45.43
C GLN C 85 15.97 -15.89 -45.28
N ALA C 86 15.45 -15.14 -46.26
CA ALA C 86 15.66 -13.71 -46.28
C ALA C 86 14.95 -13.01 -45.13
N GLU C 87 13.66 -13.28 -44.95
CA GLU C 87 12.88 -12.62 -43.91
C GLU C 87 13.14 -13.18 -42.51
N ASP C 88 14.14 -14.04 -42.35
CA ASP C 88 14.56 -14.49 -41.03
C ASP C 88 15.57 -13.55 -40.38
N VAL C 89 16.03 -12.54 -41.09
CA VAL C 89 16.99 -11.58 -40.55
C VAL C 89 16.28 -10.75 -39.49
N ALA C 90 16.66 -10.93 -38.24
CA ALA C 90 16.05 -10.21 -37.12
C ALA C 90 16.91 -10.43 -35.89
N VAL C 91 16.47 -9.86 -34.76
CA VAL C 91 17.11 -10.07 -33.46
C VAL C 91 16.31 -11.13 -32.73
N TYR C 92 17.01 -12.05 -32.07
CA TYR C 92 16.38 -13.17 -31.38
C TYR C 92 16.74 -13.14 -29.90
N TYR C 93 15.71 -13.15 -29.05
CA TYR C 93 15.88 -13.14 -27.61
C TYR C 93 15.35 -14.44 -27.02
N CYS C 94 16.06 -14.97 -26.03
CA CYS C 94 15.54 -16.07 -25.22
C CYS C 94 15.04 -15.52 -23.90
N GLN C 95 13.83 -15.90 -23.53
CA GLN C 95 13.20 -15.47 -22.29
C GLN C 95 12.89 -16.67 -21.43
N GLN C 96 13.14 -16.54 -20.13
CA GLN C 96 12.71 -17.53 -19.17
C GLN C 96 11.44 -17.06 -18.48
N TYR C 97 10.48 -17.97 -18.34
CA TYR C 97 9.26 -17.72 -17.59
C TYR C 97 9.07 -18.76 -16.50
N TYR C 98 10.20 -19.25 -15.95
CA TYR C 98 10.15 -20.18 -14.83
C TYR C 98 9.56 -19.50 -13.60
N SER C 99 10.07 -18.32 -13.26
CA SER C 99 9.56 -17.56 -12.13
C SER C 99 9.78 -16.08 -12.39
N THR C 100 8.99 -15.26 -11.71
CA THR C 100 9.20 -13.83 -11.76
C THR C 100 10.38 -13.45 -10.87
N PRO C 101 11.16 -12.42 -11.25
CA PRO C 101 10.97 -11.57 -12.44
C PRO C 101 11.39 -12.23 -13.76
N TYR C 102 10.54 -12.11 -14.78
CA TYR C 102 10.89 -12.58 -16.11
C TYR C 102 12.14 -11.84 -16.60
N THR C 103 13.00 -12.56 -17.31
CA THR C 103 14.24 -11.98 -17.82
C THR C 103 14.47 -12.41 -19.26
N PHE C 104 15.11 -11.54 -20.03
CA PHE C 104 15.44 -11.77 -21.42
C PHE C 104 16.94 -11.96 -21.57
N GLY C 105 17.33 -12.55 -22.70
CA GLY C 105 18.70 -12.53 -23.12
C GLY C 105 19.08 -11.16 -23.68
N GLN C 106 20.37 -10.96 -23.90
CA GLN C 106 20.82 -9.67 -24.39
C GLN C 106 20.48 -9.46 -25.87
N GLY C 107 20.19 -10.53 -26.60
CA GLY C 107 19.82 -10.41 -28.00
C GLY C 107 20.91 -10.95 -28.91
N THR C 108 20.49 -11.58 -30.00
CA THR C 108 21.40 -12.14 -31.00
C THR C 108 20.96 -11.66 -32.38
N LYS C 109 21.85 -10.92 -33.05
CA LYS C 109 21.56 -10.45 -34.40
C LYS C 109 21.93 -11.52 -35.41
N VAL C 110 21.01 -11.80 -36.34
CA VAL C 110 21.19 -12.81 -37.36
C VAL C 110 21.09 -12.15 -38.72
N GLU C 111 22.15 -12.23 -39.52
CA GLU C 111 22.21 -11.64 -40.83
C GLU C 111 22.54 -12.70 -41.87
N ILE C 112 22.27 -12.39 -43.13
CA ILE C 112 22.59 -13.30 -44.23
C ILE C 112 24.04 -13.07 -44.66
N LYS C 113 24.79 -14.16 -44.82
CA LYS C 113 26.15 -14.10 -45.33
C LYS C 113 26.14 -14.37 -46.83
N ARG C 114 26.94 -11.56 -48.08
CA ARG C 114 27.03 -11.60 -49.53
C ARG C 114 28.50 -11.43 -49.94
N THR C 115 28.74 -11.48 -51.25
CA THR C 115 30.09 -11.28 -51.76
C THR C 115 30.54 -9.85 -51.51
N VAL C 116 31.86 -9.69 -51.40
CA VAL C 116 32.43 -8.39 -51.08
C VAL C 116 32.13 -7.40 -52.20
N ALA C 117 31.84 -6.15 -51.82
CA ALA C 117 31.54 -5.09 -52.77
C ALA C 117 32.20 -3.81 -52.31
N ALA C 118 32.99 -3.20 -53.19
CA ALA C 118 33.69 -1.97 -52.85
C ALA C 118 32.71 -0.79 -52.81
N PRO C 119 32.98 0.19 -51.96
CA PRO C 119 32.08 1.35 -51.87
C PRO C 119 32.42 2.45 -52.86
N SER C 120 31.38 3.06 -53.42
CA SER C 120 31.53 4.29 -54.18
C SER C 120 31.66 5.45 -53.20
N VAL C 121 32.76 6.20 -53.31
CA VAL C 121 33.10 7.21 -52.32
C VAL C 121 32.84 8.60 -52.90
N PHE C 122 32.18 9.45 -52.11
CA PHE C 122 31.94 10.84 -52.47
C PHE C 122 32.30 11.71 -51.28
N ILE C 123 32.55 12.99 -51.54
CA ILE C 123 32.86 13.96 -50.50
C ILE C 123 32.12 15.26 -50.82
N PHE C 124 31.59 15.90 -49.78
CA PHE C 124 30.81 17.11 -49.92
C PHE C 124 31.40 18.21 -49.04
N PRO C 125 31.70 19.38 -49.59
CA PRO C 125 32.14 20.50 -48.76
C PRO C 125 30.96 21.12 -48.03
N PRO C 126 31.21 21.90 -46.97
CA PRO C 126 30.09 22.58 -46.31
C PRO C 126 29.49 23.66 -47.18
N SER C 127 28.19 23.84 -47.03
CA SER C 127 27.48 24.86 -47.79
C SER C 127 27.89 26.26 -47.34
N ASP C 128 27.70 27.23 -48.23
CA ASP C 128 27.95 28.62 -47.87
C ASP C 128 26.98 29.10 -46.80
N GLU C 129 25.76 28.56 -46.78
CA GLU C 129 24.78 28.97 -45.78
C GLU C 129 25.21 28.56 -44.39
N GLN C 130 25.73 27.34 -44.24
CA GLN C 130 26.18 26.88 -42.93
C GLN C 130 27.39 27.67 -42.44
N LEU C 131 28.22 28.17 -43.35
CA LEU C 131 29.41 28.90 -42.95
C LEU C 131 29.08 30.24 -42.33
N LYS C 132 27.93 30.83 -42.67
CA LYS C 132 27.52 32.07 -42.03
C LYS C 132 27.18 31.87 -40.56
N SER C 133 26.72 30.67 -40.20
CA SER C 133 26.38 30.37 -38.81
C SER C 133 27.59 29.99 -37.97
N GLY C 134 28.77 29.90 -38.57
CA GLY C 134 29.99 29.68 -37.82
C GLY C 134 30.43 28.24 -37.69
N THR C 135 29.74 27.29 -38.33
CA THR C 135 30.11 25.89 -38.27
C THR C 135 30.30 25.35 -39.68
N ALA C 136 31.15 24.33 -39.80
CA ALA C 136 31.45 23.70 -41.09
C ALA C 136 31.38 22.20 -40.92
N SER C 137 30.54 21.55 -41.72
CA SER C 137 30.36 20.11 -41.69
C SER C 137 30.79 19.52 -43.03
N VAL C 138 31.80 18.66 -43.00
CA VAL C 138 32.30 17.98 -44.19
C VAL C 138 31.80 16.55 -44.16
N VAL C 139 31.05 16.16 -45.19
CA VAL C 139 30.40 14.86 -45.26
C VAL C 139 31.15 13.99 -46.27
N CYS C 140 31.41 12.74 -45.90
CA CYS C 140 31.99 11.74 -46.79
C CYS C 140 31.05 10.55 -46.86
N LEU C 141 30.68 10.16 -48.08
CA LEU C 141 29.69 9.12 -48.31
C LEU C 141 30.36 7.86 -48.85
N LEU C 142 30.01 6.71 -48.25
CA LEU C 142 30.42 5.40 -48.74
C LEU C 142 29.15 4.66 -49.14
N ASN C 143 28.94 4.49 -50.44
CA ASN C 143 27.65 4.05 -50.95
C ASN C 143 27.69 2.59 -51.37
N ASN C 144 26.74 1.80 -50.86
CA ASN C 144 26.46 0.44 -51.31
C ASN C 144 27.69 -0.45 -51.29
N PHE C 145 28.06 -0.97 -50.13
CA PHE C 145 29.24 -1.82 -50.00
C PHE C 145 28.97 -2.93 -48.99
N TYR C 146 29.85 -3.94 -49.01
CA TYR C 146 29.81 -5.05 -48.07
C TYR C 146 31.21 -5.64 -48.02
N PRO C 147 31.72 -6.01 -46.83
CA PRO C 147 31.05 -5.97 -45.53
C PRO C 147 30.97 -4.58 -44.91
N ARG C 148 30.47 -4.52 -43.67
CA ARG C 148 30.23 -3.24 -43.03
C ARG C 148 31.54 -2.58 -42.60
N GLU C 149 32.54 -3.38 -42.20
CA GLU C 149 33.78 -2.84 -41.69
C GLU C 149 34.48 -2.00 -42.74
N ALA C 150 34.85 -0.78 -42.38
CA ALA C 150 35.51 0.14 -43.29
C ALA C 150 36.15 1.30 -42.54
N LYS C 151 37.48 1.38 -42.56
CA LYS C 151 38.16 2.51 -41.91
C LYS C 151 38.03 3.75 -42.78
N VAL C 152 37.59 4.84 -42.17
CA VAL C 152 37.45 6.13 -42.83
C VAL C 152 38.31 7.13 -42.08
N GLN C 153 39.31 7.68 -42.75
CA GLN C 153 40.28 8.57 -42.12
C GLN C 153 40.18 9.96 -42.76
N TRP C 154 39.83 10.95 -41.94
CA TRP C 154 39.80 12.33 -42.40
C TRP C 154 41.21 12.92 -42.41
N LYS C 155 41.50 13.72 -43.42
CA LYS C 155 42.78 14.40 -43.55
C LYS C 155 42.53 15.86 -43.90
N VAL C 156 43.09 16.75 -43.10
CA VAL C 156 42.98 18.19 -43.32
C VAL C 156 44.39 18.72 -43.54
N ASP C 157 44.69 19.14 -44.76
CA ASP C 157 46.05 19.50 -45.17
C ASP C 157 47.03 18.39 -44.82
N ASN C 158 46.63 17.15 -45.10
CA ASN C 158 47.40 15.92 -44.90
C ASN C 158 47.61 15.58 -43.43
N ALA C 159 46.88 16.24 -42.52
CA ALA C 159 46.96 15.95 -41.09
C ALA C 159 45.80 15.03 -40.70
N LEU C 160 46.13 13.91 -40.04
CA LEU C 160 45.10 12.96 -39.64
C LEU C 160 44.21 13.56 -38.56
N GLN C 161 42.91 13.53 -38.78
CA GLN C 161 41.95 14.04 -37.82
C GLN C 161 41.49 12.93 -36.88
N SER C 162 41.18 13.32 -35.64
CA SER C 162 40.77 12.36 -34.63
C SER C 162 39.89 13.06 -33.60
N GLY C 163 38.81 12.39 -33.21
CA GLY C 163 37.91 12.93 -32.21
C GLY C 163 37.10 14.12 -32.67
N ASN C 164 36.75 14.18 -33.96
CA ASN C 164 35.93 15.29 -34.45
C ASN C 164 35.03 14.85 -35.60
N SER C 165 34.70 13.55 -35.66
CA SER C 165 33.85 13.04 -36.73
C SER C 165 32.96 11.93 -36.18
N GLN C 166 31.78 11.80 -36.76
CA GLN C 166 30.83 10.76 -36.41
C GLN C 166 30.45 9.97 -37.66
N GLU C 167 30.25 8.67 -37.47
CA GLU C 167 29.86 7.79 -38.57
C GLU C 167 28.43 7.31 -38.38
N SER C 168 27.77 6.98 -39.49
CA SER C 168 26.41 6.46 -39.47
C SER C 168 26.25 5.49 -40.62
N VAL C 169 25.65 4.33 -40.33
CA VAL C 169 25.50 3.25 -41.31
C VAL C 169 24.02 2.98 -41.51
N THR C 170 23.63 2.79 -42.77
CA THR C 170 22.25 2.50 -43.11
C THR C 170 21.90 1.05 -42.77
N GLU C 171 20.62 0.75 -42.84
CA GLU C 171 20.18 -0.64 -42.73
C GLU C 171 20.61 -1.40 -43.97
N GLN C 172 20.84 -2.71 -43.80
CA GLN C 172 21.20 -3.55 -44.93
C GLN C 172 20.09 -3.53 -45.97
N ASP C 173 20.44 -3.16 -47.20
CA ASP C 173 19.44 -3.03 -48.26
C ASP C 173 18.78 -4.37 -48.54
N SER C 174 17.47 -4.32 -48.81
CA SER C 174 16.70 -5.55 -48.97
C SER C 174 17.08 -6.28 -50.25
N LYS C 175 17.40 -5.54 -51.31
CA LYS C 175 17.59 -6.15 -52.63
C LYS C 175 19.01 -6.64 -52.87
N ASP C 176 20.03 -5.85 -52.50
CA ASP C 176 21.41 -6.23 -52.78
C ASP C 176 22.25 -6.45 -51.54
N SER C 177 21.68 -6.32 -50.34
CA SER C 177 22.36 -6.65 -49.08
C SER C 177 23.62 -5.81 -48.87
N THR C 178 23.55 -4.53 -49.21
CA THR C 178 24.68 -3.62 -49.06
C THR C 178 24.36 -2.55 -48.02
N TYR C 179 25.41 -2.07 -47.36
CA TYR C 179 25.32 -0.96 -46.43
C TYR C 179 25.80 0.32 -47.10
N SER C 180 25.46 1.44 -46.46
CA SER C 180 25.99 2.74 -46.86
C SER C 180 26.39 3.50 -45.60
N LEU C 181 27.49 4.25 -45.68
CA LEU C 181 28.06 4.90 -44.52
C LEU C 181 28.28 6.38 -44.81
N SER C 182 28.03 7.21 -43.80
CA SER C 182 28.28 8.64 -43.86
C SER C 182 29.16 9.04 -42.69
N SER C 183 30.31 9.62 -42.98
CA SER C 183 31.18 10.19 -41.96
C SER C 183 31.14 11.71 -42.07
N THR C 184 31.00 12.39 -40.94
CA THR C 184 30.76 13.83 -40.92
C THR C 184 31.83 14.50 -40.06
N LEU C 185 32.71 15.26 -40.70
CA LEU C 185 33.74 16.02 -40.01
C LEU C 185 33.19 17.39 -39.64
N THR C 186 33.30 17.74 -38.35
CA THR C 186 32.79 19.01 -37.85
C THR C 186 33.93 19.84 -37.29
N LEU C 187 33.99 21.10 -37.70
CA LEU C 187 34.97 22.04 -37.18
C LEU C 187 34.45 23.46 -37.38
N SER C 188 35.02 24.39 -36.61
CA SER C 188 34.54 25.77 -36.62
C SER C 188 34.82 26.43 -37.96
N LYS C 189 34.05 27.49 -38.24
CA LYS C 189 34.28 28.26 -39.47
C LYS C 189 35.70 28.80 -39.52
N ALA C 190 36.23 29.25 -38.38
CA ALA C 190 37.61 29.71 -38.33
C ALA C 190 38.57 28.60 -38.74
N ASP C 191 38.47 27.43 -38.09
CA ASP C 191 39.35 26.32 -38.41
C ASP C 191 39.17 25.85 -39.85
N TYR C 192 37.95 25.95 -40.38
CA TYR C 192 37.72 25.50 -41.76
C TYR C 192 38.43 26.39 -42.77
N GLU C 193 38.52 27.70 -42.51
CA GLU C 193 39.15 28.63 -43.43
C GLU C 193 40.65 28.71 -43.26
N LYS C 194 41.23 27.96 -42.32
CA LYS C 194 42.68 27.96 -42.14
C LYS C 194 43.38 26.99 -43.09
N HIS C 195 42.66 26.01 -43.63
CA HIS C 195 43.27 24.93 -44.40
C HIS C 195 42.63 24.84 -45.77
N LYS C 196 43.27 24.06 -46.65
CA LYS C 196 42.90 24.01 -48.05
C LYS C 196 42.42 22.64 -48.50
N VAL C 197 43.19 21.58 -48.23
CA VAL C 197 42.90 20.24 -48.73
C VAL C 197 42.12 19.48 -47.67
N TYR C 198 40.89 19.12 -47.98
CA TYR C 198 40.05 18.29 -47.13
C TYR C 198 39.83 16.97 -47.83
N ALA C 199 40.40 15.90 -47.27
CA ALA C 199 40.43 14.60 -47.92
C ALA C 199 39.76 13.55 -47.04
N CYS C 200 39.19 12.54 -47.70
CA CYS C 200 38.53 11.41 -47.06
C CYS C 200 39.13 10.13 -47.60
N GLU C 201 39.90 9.43 -46.78
CA GLU C 201 40.61 8.22 -47.19
C GLU C 201 39.84 7.00 -46.68
N VAL C 202 39.39 6.16 -47.61
CA VAL C 202 38.56 5.00 -47.30
C VAL C 202 39.41 3.74 -47.50
N THR C 203 39.47 2.91 -46.46
CA THR C 203 40.10 1.59 -46.53
C THR C 203 39.02 0.53 -46.37
N HIS C 204 39.00 -0.42 -47.30
CA HIS C 204 37.95 -1.42 -47.31
C HIS C 204 38.49 -2.72 -47.90
N GLN C 205 37.81 -3.82 -47.59
CA GLN C 205 38.25 -5.13 -48.07
C GLN C 205 38.11 -5.24 -49.59
N GLY C 206 37.07 -4.62 -50.14
CA GLY C 206 36.86 -4.66 -51.59
C GLY C 206 37.79 -3.77 -52.39
N LEU C 207 38.52 -2.89 -51.73
CA LEU C 207 39.48 -2.00 -52.38
C LEU C 207 40.88 -2.55 -52.17
N SER C 208 41.56 -2.90 -53.26
CA SER C 208 42.94 -3.36 -53.18
C SER C 208 43.89 -2.27 -52.72
N SER C 209 43.45 -1.01 -52.74
CA SER C 209 44.25 0.13 -52.30
C SER C 209 43.30 1.17 -51.74
N PRO C 210 43.70 1.92 -50.71
CA PRO C 210 42.79 2.93 -50.13
C PRO C 210 42.43 4.01 -51.13
N VAL C 211 41.13 4.21 -51.31
CA VAL C 211 40.62 5.24 -52.20
C VAL C 211 40.46 6.54 -51.41
N THR C 212 40.96 7.64 -51.97
CA THR C 212 40.86 8.94 -51.36
C THR C 212 40.07 9.88 -52.27
N LYS C 213 39.14 10.61 -51.67
CA LYS C 213 38.42 11.68 -52.36
C LYS C 213 38.64 12.97 -51.58
N SER C 214 38.88 14.05 -52.31
CA SER C 214 39.24 15.30 -51.67
C SER C 214 38.71 16.48 -52.47
N PHE C 215 38.83 17.67 -51.88
CA PHE C 215 38.48 18.92 -52.53
C PHE C 215 39.31 20.03 -51.91
N ASN C 216 39.62 21.03 -52.72
CA ASN C 216 40.25 22.25 -52.21
C ASN C 216 39.17 23.28 -51.90
N ARG C 217 39.33 23.97 -50.79
CA ARG C 217 38.30 24.88 -50.30
C ARG C 217 38.03 25.99 -51.32
N GLY C 218 36.80 26.04 -51.80
CA GLY C 218 36.38 27.07 -52.75
C GLY C 218 37.03 26.96 -54.10
N GLU C 219 36.71 25.90 -54.85
CA GLU C 219 37.23 25.74 -56.19
C GLU C 219 36.15 25.18 -57.13
N ASN D 5 -23.57 42.11 8.32
CA ASN D 5 -22.21 42.06 7.79
C ASN D 5 -21.60 40.65 7.85
N LEU D 6 -22.33 39.67 7.34
CA LEU D 6 -21.78 38.33 7.25
C LEU D 6 -20.59 38.29 6.31
N CYS D 7 -19.60 37.45 6.63
CA CYS D 7 -18.39 37.43 5.82
C CYS D 7 -18.68 36.88 4.42
N PRO D 8 -18.02 37.43 3.40
CA PRO D 8 -18.35 37.06 2.00
C PRO D 8 -17.69 35.77 1.55
N PHE D 9 -18.00 34.67 2.24
CA PHE D 9 -17.53 33.36 1.79
C PHE D 9 -18.22 32.93 0.50
N GLY D 10 -19.37 33.53 0.17
CA GLY D 10 -20.06 33.16 -1.04
C GLY D 10 -19.32 33.59 -2.29
N GLU D 11 -18.83 34.83 -2.30
CA GLU D 11 -18.12 35.33 -3.47
C GLU D 11 -16.73 34.70 -3.64
N VAL D 12 -16.30 33.89 -2.67
CA VAL D 12 -15.08 33.11 -2.81
C VAL D 12 -15.38 31.69 -3.28
N PHE D 13 -16.38 31.04 -2.67
CA PHE D 13 -16.67 29.65 -2.99
C PHE D 13 -17.47 29.49 -4.28
N ASN D 14 -18.36 30.44 -4.60
CA ASN D 14 -19.15 30.38 -5.82
C ASN D 14 -18.68 31.40 -6.86
N ALA D 15 -17.41 31.77 -6.84
CA ALA D 15 -16.88 32.62 -7.90
C ALA D 15 -16.98 31.89 -9.23
N THR D 16 -17.58 32.57 -10.22
CA THR D 16 -17.83 31.92 -11.51
C THR D 16 -16.53 31.43 -12.15
N ARG D 17 -15.46 32.21 -12.01
CA ARG D 17 -14.15 31.84 -12.53
C ARG D 17 -13.14 31.80 -11.39
N PHE D 18 -12.38 30.72 -11.31
CA PHE D 18 -11.33 30.59 -10.30
C PHE D 18 -10.01 31.09 -10.86
N ALA D 19 -8.90 30.57 -10.35
CA ALA D 19 -7.58 31.02 -10.76
C ALA D 19 -6.63 29.84 -10.89
N SER D 20 -5.60 30.01 -11.72
CA SER D 20 -4.56 29.01 -11.84
C SER D 20 -3.77 28.92 -10.53
N VAL D 21 -3.25 27.72 -10.26
CA VAL D 21 -2.61 27.48 -8.98
C VAL D 21 -1.32 28.29 -8.84
N TYR D 22 -0.61 28.52 -9.94
CA TYR D 22 0.62 29.30 -9.85
C TYR D 22 0.33 30.75 -9.51
N ALA D 23 -0.80 31.28 -9.98
CA ALA D 23 -1.23 32.63 -9.63
C ALA D 23 -2.46 32.55 -8.72
N TRP D 24 -2.33 31.84 -7.61
CA TRP D 24 -3.46 31.61 -6.71
C TRP D 24 -3.98 32.93 -6.17
N ASN D 25 -5.29 32.95 -5.91
CA ASN D 25 -6.00 34.16 -5.52
C ASN D 25 -6.25 34.16 -4.02
N ARG D 26 -5.99 35.29 -3.38
CA ARG D 26 -6.17 35.44 -1.94
C ARG D 26 -7.23 36.50 -1.65
N LYS D 27 -8.20 36.16 -0.83
CA LYS D 27 -9.25 37.06 -0.38
C LYS D 27 -9.05 37.35 1.09
N ARG D 28 -8.94 38.63 1.43
CA ARG D 28 -8.78 39.05 2.83
C ARG D 28 -10.15 39.21 3.47
N ILE D 29 -10.37 38.48 4.55
CA ILE D 29 -11.63 38.52 5.29
C ILE D 29 -11.44 39.43 6.50
N SER D 30 -12.24 40.49 6.60
CA SER D 30 -12.08 41.47 7.66
C SER D 30 -13.41 42.15 7.97
N ASN D 31 -13.55 42.59 9.22
CA ASN D 31 -14.67 43.40 9.68
C ASN D 31 -16.01 42.75 9.33
N CYS D 32 -16.15 41.48 9.70
CA CYS D 32 -17.38 40.76 9.39
C CYS D 32 -17.52 39.58 10.35
N VAL D 33 -18.76 39.14 10.51
CA VAL D 33 -19.08 37.93 11.26
C VAL D 33 -19.08 36.76 10.30
N ALA D 34 -18.34 35.71 10.65
CA ALA D 34 -18.18 34.54 9.79
C ALA D 34 -18.95 33.37 10.39
N ASP D 35 -19.95 32.88 9.66
CA ASP D 35 -20.75 31.73 10.06
C ASP D 35 -20.19 30.51 9.33
N TYR D 36 -19.20 29.87 9.94
CA TYR D 36 -18.53 28.73 9.33
C TYR D 36 -19.42 27.50 9.24
N SER D 37 -20.59 27.51 9.87
CA SER D 37 -21.50 26.36 9.75
C SER D 37 -21.97 26.17 8.32
N VAL D 38 -22.12 27.26 7.57
CA VAL D 38 -22.45 27.14 6.15
C VAL D 38 -21.43 26.28 5.42
N LEU D 39 -20.17 26.30 5.87
CA LEU D 39 -19.12 25.55 5.18
C LEU D 39 -19.22 24.06 5.47
N TYR D 40 -19.22 23.68 6.76
CA TYR D 40 -19.18 22.26 7.09
C TYR D 40 -20.55 21.60 7.11
N ASN D 41 -21.63 22.36 7.07
CA ASN D 41 -22.94 21.74 6.87
C ASN D 41 -23.27 21.52 5.40
N SER D 42 -22.42 21.98 4.50
CA SER D 42 -22.63 21.75 3.07
C SER D 42 -22.32 20.30 2.73
N ALA D 43 -23.14 19.73 1.85
CA ALA D 43 -22.95 18.35 1.39
C ALA D 43 -22.33 18.27 0.01
N SER D 44 -21.58 19.30 -0.39
CA SER D 44 -21.04 19.41 -1.74
C SER D 44 -19.54 19.64 -1.71
N PHE D 45 -18.84 18.99 -0.79
CA PHE D 45 -17.39 19.07 -0.70
C PHE D 45 -16.82 17.66 -0.68
N SER D 46 -15.70 17.47 -1.41
CA SER D 46 -15.02 16.19 -1.42
C SER D 46 -14.04 16.07 -0.25
N THR D 47 -13.38 17.16 0.12
CA THR D 47 -12.37 17.15 1.15
C THR D 47 -12.50 18.42 2.00
N PHE D 48 -12.34 18.26 3.31
CA PHE D 48 -12.48 19.34 4.28
C PHE D 48 -11.49 19.06 5.41
N LYS D 49 -10.20 19.13 5.09
CA LYS D 49 -9.14 18.81 6.03
C LYS D 49 -8.68 20.09 6.73
N CYS D 50 -8.88 20.14 8.05
CA CYS D 50 -8.46 21.28 8.86
C CYS D 50 -7.29 20.90 9.73
N TYR D 51 -6.37 21.85 9.92
CA TYR D 51 -5.10 21.60 10.60
C TYR D 51 -4.96 22.59 11.75
N GLY D 52 -4.72 22.07 12.95
CA GLY D 52 -4.50 22.90 14.12
C GLY D 52 -5.68 23.74 14.55
N VAL D 53 -6.88 23.51 13.99
CA VAL D 53 -8.05 24.30 14.36
C VAL D 53 -9.28 23.44 14.09
N SER D 54 -10.33 23.66 14.88
CA SER D 54 -11.56 22.89 14.75
C SER D 54 -12.65 23.77 14.16
N PRO D 55 -13.13 23.49 12.95
CA PRO D 55 -14.15 24.37 12.34
C PRO D 55 -15.46 24.39 13.11
N THR D 56 -15.78 23.32 13.83
CA THR D 56 -17.01 23.28 14.62
C THR D 56 -16.89 24.03 15.95
N LYS D 57 -15.71 24.55 16.27
CA LYS D 57 -15.45 25.15 17.58
C LYS D 57 -15.01 26.60 17.49
N LEU D 58 -15.14 27.25 16.34
CA LEU D 58 -14.65 28.62 16.18
C LEU D 58 -15.74 29.59 15.76
N ASN D 59 -17.01 29.20 15.84
CA ASN D 59 -18.10 30.15 15.68
C ASN D 59 -18.38 30.93 16.96
N ASP D 60 -17.56 30.74 17.99
CA ASP D 60 -17.55 31.58 19.18
C ASP D 60 -16.15 32.12 19.45
N LEU D 61 -15.33 32.19 18.40
CA LEU D 61 -13.94 32.61 18.47
C LEU D 61 -13.72 33.80 17.54
N CYS D 62 -12.70 34.61 17.87
CA CYS D 62 -12.34 35.77 17.08
C CYS D 62 -10.92 35.63 16.56
N PHE D 63 -10.66 36.23 15.40
CA PHE D 63 -9.34 36.23 14.80
C PHE D 63 -9.03 37.61 14.25
N THR D 64 -7.74 37.96 14.24
CA THR D 64 -7.34 39.26 13.72
C THR D 64 -7.63 39.36 12.23
N ASN D 65 -7.35 38.29 11.47
CA ASN D 65 -7.64 38.26 10.05
C ASN D 65 -7.76 36.81 9.59
N VAL D 66 -8.54 36.62 8.53
CA VAL D 66 -8.73 35.32 7.90
C VAL D 66 -8.47 35.48 6.41
N TYR D 67 -7.70 34.57 5.84
CA TYR D 67 -7.33 34.60 4.43
C TYR D 67 -7.97 33.43 3.71
N ALA D 68 -8.56 33.70 2.55
CA ALA D 68 -9.21 32.68 1.73
C ALA D 68 -8.47 32.58 0.41
N ASP D 69 -7.69 31.52 0.25
CA ASP D 69 -6.93 31.28 -0.97
C ASP D 69 -7.68 30.26 -1.84
N SER D 70 -7.90 30.62 -3.10
CA SER D 70 -8.65 29.78 -4.03
C SER D 70 -7.88 29.59 -5.33
N PHE D 71 -7.90 28.36 -5.83
CA PHE D 71 -7.24 28.01 -7.09
C PHE D 71 -7.82 26.69 -7.58
N VAL D 72 -7.25 26.18 -8.67
CA VAL D 72 -7.70 24.93 -9.29
C VAL D 72 -6.50 24.05 -9.57
N ILE D 73 -6.61 22.78 -9.18
CA ILE D 73 -5.62 21.75 -9.51
C ILE D 73 -6.39 20.51 -9.94
N ARG D 74 -5.71 19.35 -9.95
CA ARG D 74 -6.36 18.10 -10.27
C ARG D 74 -6.37 17.18 -9.06
N GLY D 75 -7.21 16.14 -9.14
CA GLY D 75 -7.47 15.31 -7.97
C GLY D 75 -6.23 14.67 -7.39
N ASP D 76 -5.27 14.30 -8.24
CA ASP D 76 -4.01 13.74 -7.76
C ASP D 76 -3.25 14.72 -6.87
N GLU D 77 -3.50 16.02 -7.02
CA GLU D 77 -2.71 17.04 -6.36
C GLU D 77 -3.41 17.71 -5.18
N VAL D 78 -4.64 17.31 -4.87
CA VAL D 78 -5.32 17.88 -3.71
C VAL D 78 -4.61 17.47 -2.42
N ARG D 79 -4.07 16.24 -2.39
CA ARG D 79 -3.31 15.79 -1.23
C ARG D 79 -2.04 16.61 -0.99
N GLN D 80 -1.60 17.38 -2.00
CA GLN D 80 -0.41 18.21 -1.85
C GLN D 80 -0.69 19.54 -1.17
N ILE D 81 -1.95 19.92 -1.02
CA ILE D 81 -2.30 21.18 -0.33
C ILE D 81 -2.43 20.84 1.14
N ALA D 82 -1.27 20.65 1.77
CA ALA D 82 -1.21 20.25 3.17
C ALA D 82 0.20 20.52 3.67
N PRO D 83 0.38 20.75 4.98
CA PRO D 83 1.73 20.98 5.50
C PRO D 83 2.60 19.73 5.34
N GLY D 84 3.87 19.96 5.02
CA GLY D 84 4.83 18.87 4.92
C GLY D 84 4.70 18.02 3.67
N GLN D 85 4.22 18.60 2.58
CA GLN D 85 4.07 17.88 1.32
C GLN D 85 5.09 18.36 0.30
N THR D 86 5.37 17.49 -0.67
CA THR D 86 6.26 17.81 -1.77
C THR D 86 5.59 17.40 -3.08
N GLY D 87 6.07 18.01 -4.16
CA GLY D 87 5.56 17.74 -5.49
C GLY D 87 5.59 19.01 -6.32
N LYS D 88 4.99 18.92 -7.51
CA LYS D 88 4.95 20.08 -8.40
C LYS D 88 4.18 21.25 -7.78
N ILE D 89 3.03 20.95 -7.18
CA ILE D 89 2.19 22.01 -6.64
C ILE D 89 2.76 22.55 -5.34
N ALA D 90 3.20 21.66 -4.44
CA ALA D 90 3.67 22.11 -3.13
C ALA D 90 4.99 22.85 -3.22
N ASP D 91 5.84 22.52 -4.19
CA ASP D 91 7.16 23.12 -4.26
C ASP D 91 7.21 24.33 -5.19
N TYR D 92 6.42 24.36 -6.25
CA TYR D 92 6.52 25.40 -7.27
C TYR D 92 5.27 26.26 -7.41
N ASN D 93 4.19 25.97 -6.69
CA ASN D 93 2.94 26.68 -6.93
C ASN D 93 2.32 27.23 -5.64
N TYR D 94 2.08 26.38 -4.66
CA TYR D 94 1.40 26.80 -3.44
C TYR D 94 1.90 25.94 -2.29
N LYS D 95 2.63 26.56 -1.35
CA LYS D 95 3.21 25.86 -0.22
C LYS D 95 2.55 26.32 1.08
N LEU D 96 2.21 25.36 1.93
CA LEU D 96 1.70 25.64 3.26
C LEU D 96 2.78 25.43 4.31
N PRO D 97 2.82 26.25 5.35
CA PRO D 97 3.83 26.07 6.39
C PRO D 97 3.57 24.82 7.22
N ASP D 98 4.61 24.37 7.93
CA ASP D 98 4.49 23.15 8.71
C ASP D 98 3.55 23.33 9.90
N ASP D 99 3.48 24.54 10.47
CA ASP D 99 2.54 24.84 11.54
C ASP D 99 1.28 25.52 11.00
N PHE D 100 0.79 25.05 9.86
CA PHE D 100 -0.38 25.65 9.22
C PHE D 100 -1.62 25.47 10.08
N THR D 101 -2.33 26.57 10.32
CA THR D 101 -3.59 26.56 11.06
C THR D 101 -4.69 27.02 10.12
N GLY D 102 -5.54 26.09 9.70
CA GLY D 102 -6.62 26.40 8.81
C GLY D 102 -7.18 25.14 8.18
N CYS D 103 -8.03 25.34 7.17
CA CYS D 103 -8.71 24.26 6.48
C CYS D 103 -8.41 24.29 4.99
N VAL D 104 -8.39 23.10 4.40
CA VAL D 104 -8.22 22.92 2.97
C VAL D 104 -9.48 22.27 2.43
N ILE D 105 -10.29 23.05 1.72
CA ILE D 105 -11.60 22.61 1.22
C ILE D 105 -11.51 22.47 -0.29
N ALA D 106 -11.94 21.31 -0.80
CA ALA D 106 -11.85 21.02 -2.22
C ALA D 106 -13.08 20.24 -2.68
N TRP D 107 -13.47 20.46 -3.94
CA TRP D 107 -14.58 19.75 -4.53
C TRP D 107 -14.35 19.63 -6.03
N ASN D 108 -14.91 18.58 -6.62
CA ASN D 108 -14.75 18.35 -8.05
C ASN D 108 -15.47 19.42 -8.85
N SER D 109 -14.79 19.96 -9.87
CA SER D 109 -15.32 21.00 -10.72
C SER D 109 -15.22 20.60 -12.19
N ASN D 110 -15.49 19.33 -12.49
CA ASN D 110 -15.45 18.87 -13.88
C ASN D 110 -16.58 19.48 -14.70
N ASN D 111 -17.75 19.70 -14.07
CA ASN D 111 -18.87 20.30 -14.77
C ASN D 111 -18.63 21.77 -15.11
N LEU D 112 -17.67 22.42 -14.46
CA LEU D 112 -17.41 23.85 -14.67
C LEU D 112 -16.13 24.14 -15.42
N ASP D 113 -15.05 23.40 -15.14
CA ASP D 113 -13.72 23.75 -15.66
C ASP D 113 -13.23 22.76 -16.71
N SER D 114 -14.14 22.15 -17.46
CA SER D 114 -13.78 21.25 -18.55
C SER D 114 -14.53 21.64 -19.81
N LYS D 115 -13.83 21.57 -20.94
CA LYS D 115 -14.40 21.84 -22.25
C LYS D 115 -14.15 20.65 -23.17
N VAL D 116 -15.01 20.49 -24.17
CA VAL D 116 -14.90 19.35 -25.07
C VAL D 116 -13.58 19.36 -25.81
N GLY D 117 -13.09 20.55 -26.16
CA GLY D 117 -11.78 20.67 -26.76
C GLY D 117 -10.64 20.69 -25.78
N GLY D 118 -10.93 20.47 -24.49
CA GLY D 118 -9.93 20.55 -23.46
C GLY D 118 -9.78 21.96 -22.92
N ASN D 119 -9.91 22.12 -21.61
CA ASN D 119 -9.71 23.43 -21.00
C ASN D 119 -8.22 23.67 -20.82
N TYR D 120 -7.71 24.75 -21.38
CA TYR D 120 -6.28 25.07 -21.29
C TYR D 120 -6.07 26.47 -20.76
N ASN D 121 -6.97 26.94 -19.90
CA ASN D 121 -6.81 28.23 -19.23
C ASN D 121 -6.15 28.10 -17.87
N TYR D 122 -6.27 26.93 -17.23
CA TYR D 122 -5.67 26.69 -15.93
C TYR D 122 -4.24 26.19 -16.12
N LEU D 123 -3.28 26.91 -15.54
CA LEU D 123 -1.87 26.60 -15.70
C LEU D 123 -1.27 26.23 -14.35
N TYR D 124 -0.11 25.58 -14.42
CA TYR D 124 0.67 25.27 -13.22
C TYR D 124 2.16 25.39 -13.57
N ARG D 125 2.96 25.74 -12.57
CA ARG D 125 4.39 25.91 -12.78
C ARG D 125 5.10 24.56 -12.73
N LEU D 126 5.89 24.28 -13.77
CA LEU D 126 6.61 23.02 -13.91
C LEU D 126 8.02 23.07 -13.36
N PHE D 127 8.75 24.16 -13.58
CA PHE D 127 10.11 24.30 -13.12
C PHE D 127 10.27 25.58 -12.32
N ARG D 128 11.29 25.58 -11.45
CA ARG D 128 11.67 26.76 -10.68
C ARG D 128 13.03 26.48 -10.07
N LYS D 129 13.88 27.52 -10.00
CA LYS D 129 15.23 27.33 -9.50
C LYS D 129 15.28 27.06 -8.00
N SER D 130 14.17 27.22 -7.29
CA SER D 130 14.14 26.93 -5.85
C SER D 130 12.69 26.72 -5.43
N ASN D 131 12.52 26.02 -4.32
CA ASN D 131 11.19 25.77 -3.80
C ASN D 131 10.57 27.06 -3.25
N LEU D 132 9.24 27.08 -3.23
CA LEU D 132 8.51 28.23 -2.72
C LEU D 132 8.52 28.25 -1.20
N LYS D 133 8.63 29.46 -0.64
CA LYS D 133 8.39 29.64 0.78
C LYS D 133 6.88 29.57 1.04
N PRO D 134 6.48 29.29 2.27
CA PRO D 134 5.05 29.22 2.59
C PRO D 134 4.33 30.51 2.22
N PHE D 135 3.20 30.37 1.53
CA PHE D 135 2.37 31.50 1.09
C PHE D 135 3.13 32.44 0.14
N GLU D 136 4.00 31.89 -0.69
CA GLU D 136 4.68 32.67 -1.71
C GLU D 136 3.98 32.48 -3.06
N ARG D 137 3.97 33.54 -3.85
CA ARG D 137 3.26 33.56 -5.12
C ARG D 137 4.20 34.04 -6.22
N ASP D 138 4.55 33.16 -7.15
CA ASP D 138 5.43 33.48 -8.26
C ASP D 138 4.60 33.47 -9.54
N ILE D 139 4.60 34.60 -10.25
CA ILE D 139 3.87 34.74 -11.50
C ILE D 139 4.80 35.03 -12.67
N SER D 140 6.11 35.01 -12.44
CA SER D 140 7.06 35.31 -13.51
C SER D 140 7.03 34.24 -14.58
N THR D 141 7.27 34.65 -15.82
CA THR D 141 7.29 33.76 -16.97
C THR D 141 8.67 33.72 -17.60
N GLU D 142 9.71 33.77 -16.78
CA GLU D 142 11.07 33.71 -17.28
C GLU D 142 11.40 32.28 -17.70
N ILE D 143 12.19 32.15 -18.77
CA ILE D 143 12.56 30.84 -19.30
C ILE D 143 13.47 30.13 -18.29
N TYR D 144 13.15 28.88 -18.00
CA TYR D 144 13.91 28.10 -17.02
C TYR D 144 15.15 27.51 -17.69
N GLN D 145 16.32 27.81 -17.14
CA GLN D 145 17.59 27.30 -17.66
C GLN D 145 17.90 25.97 -16.99
N ALA D 146 17.73 24.88 -17.74
CA ALA D 146 17.95 23.54 -17.22
C ALA D 146 19.36 23.01 -17.49
N GLY D 147 20.13 23.69 -18.33
CA GLY D 147 21.47 23.22 -18.65
C GLY D 147 22.54 24.25 -18.40
N SER D 148 23.76 23.97 -18.88
CA SER D 148 24.87 24.90 -18.70
C SER D 148 24.67 26.18 -19.51
N THR D 149 24.21 26.03 -20.75
CA THR D 149 24.06 27.19 -21.63
C THR D 149 22.94 28.09 -21.14
N PRO D 150 23.13 29.42 -21.18
CA PRO D 150 22.09 30.34 -20.70
C PRO D 150 21.17 30.83 -21.81
N CYS D 151 19.87 30.73 -21.59
CA CYS D 151 18.89 31.22 -22.55
C CYS D 151 18.75 32.73 -22.43
N ASN D 152 18.56 33.39 -23.57
CA ASN D 152 18.31 34.83 -23.59
C ASN D 152 16.82 35.11 -23.77
N GLY D 153 16.03 34.58 -22.84
CA GLY D 153 14.59 34.66 -22.96
C GLY D 153 14.04 33.90 -24.14
N VAL D 154 14.81 32.95 -24.68
CA VAL D 154 14.41 32.15 -25.83
C VAL D 154 14.18 30.72 -25.37
N GLU D 155 13.16 30.08 -25.93
CA GLU D 155 12.82 28.71 -25.59
C GLU D 155 13.55 27.75 -26.52
N GLY D 156 14.24 26.78 -25.95
CA GLY D 156 14.99 25.84 -26.76
C GLY D 156 15.67 24.73 -25.98
N PHE D 157 16.85 24.31 -26.45
CA PHE D 157 17.57 23.20 -25.86
C PHE D 157 17.92 23.49 -24.41
N ASN D 158 17.38 22.66 -23.51
CA ASN D 158 17.56 22.84 -22.05
C ASN D 158 17.11 24.23 -21.61
N CYS D 159 16.05 24.73 -22.25
CA CYS D 159 15.49 26.05 -21.96
C CYS D 159 13.98 25.94 -22.11
N TYR D 160 13.28 25.84 -20.97
CA TYR D 160 11.86 25.53 -20.95
C TYR D 160 11.04 26.74 -20.51
N PHE D 161 9.88 26.90 -21.14
CA PHE D 161 8.88 27.80 -20.61
C PHE D 161 8.33 27.22 -19.31
N PRO D 162 8.25 28.01 -18.23
CA PRO D 162 8.03 27.42 -16.90
C PRO D 162 6.59 27.01 -16.61
N LEU D 163 5.63 27.38 -17.45
CA LEU D 163 4.22 27.12 -17.17
C LEU D 163 3.66 26.11 -18.17
N GLN D 164 3.07 25.04 -17.66
CA GLN D 164 2.35 24.08 -18.47
C GLN D 164 0.87 24.11 -18.12
N SER D 165 0.03 23.74 -19.10
CA SER D 165 -1.40 23.79 -18.94
C SER D 165 -1.96 22.42 -18.57
N TYR D 166 -3.02 22.43 -17.76
CA TYR D 166 -3.76 21.22 -17.49
C TYR D 166 -4.60 20.84 -18.70
N GLY D 167 -4.78 19.54 -18.93
CA GLY D 167 -5.58 19.07 -20.03
C GLY D 167 -6.97 18.63 -19.60
N PHE D 168 -7.72 19.57 -19.01
CA PHE D 168 -9.02 19.24 -18.42
C PHE D 168 -10.07 18.96 -19.49
N GLN D 169 -10.20 17.69 -19.88
CA GLN D 169 -11.31 17.29 -20.73
C GLN D 169 -12.34 16.52 -19.89
N PRO D 170 -13.63 16.63 -20.24
CA PRO D 170 -14.67 15.97 -19.43
C PRO D 170 -14.50 14.47 -19.33
N THR D 171 -13.79 13.84 -20.27
CA THR D 171 -13.61 12.40 -20.27
C THR D 171 -12.42 11.94 -19.46
N ASN D 172 -11.70 12.85 -18.82
CA ASN D 172 -10.57 12.46 -17.98
C ASN D 172 -11.05 11.63 -16.79
N GLY D 173 -10.19 10.74 -16.33
CA GLY D 173 -10.50 9.96 -15.14
C GLY D 173 -10.37 10.78 -13.88
N VAL D 174 -10.96 10.26 -12.79
CA VAL D 174 -10.87 10.92 -11.50
C VAL D 174 -9.40 11.05 -11.11
N GLY D 175 -9.01 12.26 -10.74
CA GLY D 175 -7.62 12.59 -10.49
C GLY D 175 -7.00 13.46 -11.56
N TYR D 176 -7.53 13.42 -12.78
CA TYR D 176 -7.14 14.35 -13.83
C TYR D 176 -8.24 15.35 -14.17
N GLN D 177 -9.46 15.15 -13.66
CA GLN D 177 -10.48 16.19 -13.72
C GLN D 177 -10.16 17.28 -12.70
N PRO D 178 -10.61 18.51 -12.96
CA PRO D 178 -10.22 19.62 -12.08
C PRO D 178 -10.97 19.61 -10.76
N TYR D 179 -10.30 20.13 -9.74
CA TYR D 179 -10.88 20.35 -8.43
C TYR D 179 -10.63 21.80 -8.02
N ARG D 180 -11.67 22.47 -7.55
CA ARG D 180 -11.52 23.81 -6.99
C ARG D 180 -11.21 23.70 -5.51
N VAL D 181 -10.22 24.48 -5.06
CA VAL D 181 -9.70 24.39 -3.71
C VAL D 181 -9.78 25.76 -3.04
N VAL D 182 -10.26 25.79 -1.81
CA VAL D 182 -10.27 27.00 -0.98
C VAL D 182 -9.48 26.69 0.28
N VAL D 183 -8.50 27.54 0.58
CA VAL D 183 -7.66 27.38 1.76
C VAL D 183 -7.92 28.55 2.70
N LEU D 184 -8.60 28.27 3.80
CA LEU D 184 -8.81 29.25 4.86
C LEU D 184 -7.68 29.18 5.85
N SER D 185 -7.03 30.31 6.11
CA SER D 185 -5.96 30.41 7.09
C SER D 185 -6.31 31.47 8.12
N PHE D 186 -5.93 31.21 9.38
CA PHE D 186 -6.28 32.07 10.50
C PHE D 186 -5.01 32.59 11.15
N GLU D 187 -4.98 33.89 11.44
CA GLU D 187 -3.89 34.50 12.17
C GLU D 187 -4.45 35.24 13.38
N LEU D 188 -3.65 35.27 14.45
CA LEU D 188 -4.03 35.96 15.68
C LEU D 188 -2.81 36.71 16.19
N LEU D 189 -2.84 38.04 16.04
CA LEU D 189 -1.74 38.90 16.44
C LEU D 189 -2.09 39.62 17.73
N HIS D 190 -1.14 40.44 18.21
CA HIS D 190 -1.40 41.37 19.31
C HIS D 190 -2.03 42.64 18.75
N ALA D 191 -3.17 42.46 18.10
CA ALA D 191 -3.90 43.51 17.41
C ALA D 191 -5.38 43.21 17.53
N PRO D 192 -6.24 44.21 17.31
CA PRO D 192 -7.69 43.96 17.43
C PRO D 192 -8.17 42.88 16.48
N ALA D 193 -9.18 42.15 16.91
CA ALA D 193 -9.80 41.11 16.11
C ALA D 193 -11.01 41.67 15.37
N THR D 194 -11.15 41.29 14.10
CA THR D 194 -12.24 41.76 13.27
C THR D 194 -13.11 40.65 12.69
N VAL D 195 -12.69 39.40 12.78
CA VAL D 195 -13.44 38.27 12.24
C VAL D 195 -13.83 37.39 13.42
N CYS D 196 -15.11 37.43 13.79
CA CYS D 196 -15.62 36.66 14.91
C CYS D 196 -16.79 35.78 14.46
N GLY D 197 -17.10 34.80 15.28
CA GLY D 197 -18.27 33.98 15.05
C GLY D 197 -19.53 34.66 15.51
N PRO D 198 -20.68 34.09 15.14
CA PRO D 198 -21.96 34.70 15.51
C PRO D 198 -22.26 34.63 17.01
N LYS D 199 -21.55 33.80 17.77
CA LYS D 199 -21.80 33.70 19.20
C LYS D 199 -21.23 34.91 19.94
N THR E 1 -25.94 17.88 20.43
CA THR E 1 -24.57 17.41 20.31
C THR E 1 -24.08 17.58 18.87
N GLN E 2 -22.79 17.88 18.71
CA GLN E 2 -22.22 18.05 17.38
C GLN E 2 -21.88 16.70 16.75
N MET E 3 -21.44 15.73 17.54
CA MET E 3 -21.05 14.43 17.02
C MET E 3 -21.09 13.41 18.13
N GLN E 4 -21.58 12.21 17.81
CA GLN E 4 -21.57 11.08 18.73
C GLN E 4 -21.00 9.87 18.02
N LEU E 5 -20.12 9.14 18.71
CA LEU E 5 -19.42 7.99 18.15
C LEU E 5 -19.95 6.73 18.81
N VAL E 6 -20.67 5.93 18.04
CA VAL E 6 -21.15 4.63 18.51
C VAL E 6 -20.16 3.57 18.05
N GLN E 7 -19.88 2.60 18.92
CA GLN E 7 -18.91 1.57 18.64
C GLN E 7 -19.57 0.20 18.65
N SER E 8 -18.93 -0.74 17.96
CA SER E 8 -19.44 -2.10 17.87
C SER E 8 -19.39 -2.78 19.24
N GLY E 9 -20.07 -3.91 19.33
CA GLY E 9 -20.25 -4.60 20.59
C GLY E 9 -18.99 -5.29 21.09
N THR E 10 -19.14 -5.92 22.25
CA THR E 10 -18.04 -6.64 22.88
C THR E 10 -17.68 -7.88 22.06
N GLU E 11 -16.38 -8.16 21.96
CA GLU E 11 -15.86 -9.24 21.14
C GLU E 11 -15.11 -10.24 22.00
N VAL E 12 -15.50 -11.51 21.91
CA VAL E 12 -14.80 -12.63 22.51
C VAL E 12 -14.27 -13.49 21.36
N LYS E 13 -12.96 -13.43 21.13
CA LYS E 13 -12.32 -14.13 20.02
C LYS E 13 -11.26 -15.09 20.55
N LYS E 14 -10.80 -15.95 19.65
CA LYS E 14 -9.78 -16.96 19.87
C LYS E 14 -8.44 -16.51 19.31
N PRO E 15 -7.33 -16.93 19.93
CA PRO E 15 -6.01 -16.54 19.41
C PRO E 15 -5.79 -17.07 18.00
N GLY E 16 -5.49 -16.14 17.08
CA GLY E 16 -5.26 -16.44 15.68
C GLY E 16 -6.36 -15.94 14.76
N GLU E 17 -7.58 -15.80 15.27
CA GLU E 17 -8.67 -15.31 14.45
C GLU E 17 -8.49 -13.84 14.11
N SER E 18 -9.17 -13.42 13.06
CA SER E 18 -9.20 -12.01 12.66
C SER E 18 -10.39 -11.31 13.33
N LEU E 19 -10.35 -9.98 13.31
CA LEU E 19 -11.37 -9.19 13.98
C LEU E 19 -11.42 -7.81 13.35
N LYS E 20 -12.61 -7.26 13.20
CA LYS E 20 -12.81 -5.90 12.70
C LYS E 20 -13.89 -5.23 13.52
N ILE E 21 -13.53 -4.20 14.27
CA ILE E 21 -14.47 -3.42 15.07
C ILE E 21 -14.70 -2.08 14.38
N SER E 22 -15.87 -1.52 14.61
CA SER E 22 -16.30 -0.33 13.89
C SER E 22 -16.55 0.83 14.86
N CYS E 23 -16.69 2.02 14.28
CA CYS E 23 -16.92 3.25 15.03
C CYS E 23 -17.64 4.21 14.10
N LYS E 24 -18.94 4.39 14.31
CA LYS E 24 -19.79 5.17 13.41
C LYS E 24 -20.08 6.53 14.02
N GLY E 25 -19.77 7.59 13.27
CA GLY E 25 -20.07 8.93 13.74
C GLY E 25 -21.49 9.31 13.39
N SER E 26 -22.24 9.80 14.37
CA SER E 26 -23.63 10.19 14.20
C SER E 26 -23.74 11.70 14.44
N GLY E 27 -23.92 12.45 13.36
CA GLY E 27 -24.04 13.88 13.46
C GLY E 27 -23.63 14.55 12.16
N TYR E 28 -23.99 15.83 12.04
CA TYR E 28 -23.66 16.60 10.86
C TYR E 28 -22.23 17.12 10.92
N GLY E 29 -21.71 17.49 9.76
CA GLY E 29 -20.35 17.99 9.69
C GLY E 29 -19.27 16.94 9.81
N PHE E 30 -19.61 15.66 9.60
CA PHE E 30 -18.65 14.59 9.73
C PHE E 30 -17.52 14.68 8.71
N ILE E 31 -17.71 15.48 7.65
CA ILE E 31 -16.68 15.63 6.63
C ILE E 31 -15.40 16.21 7.23
N THR E 32 -15.51 16.95 8.32
CA THR E 32 -14.36 17.61 8.93
C THR E 32 -13.68 16.78 10.01
N TYR E 33 -14.25 15.63 10.38
CA TYR E 33 -13.79 14.89 11.55
C TYR E 33 -12.69 13.90 11.20
N TRP E 34 -11.70 13.82 12.09
CA TRP E 34 -10.67 12.79 12.06
C TRP E 34 -10.92 11.84 13.23
N ILE E 35 -10.88 10.55 12.96
CA ILE E 35 -11.17 9.52 13.98
C ILE E 35 -9.88 8.83 14.34
N GLY E 36 -9.58 8.76 15.65
CA GLY E 36 -8.45 8.04 16.16
C GLY E 36 -8.88 6.84 17.00
N TRP E 37 -7.91 5.97 17.26
CA TRP E 37 -8.12 4.76 18.04
C TRP E 37 -7.14 4.74 19.21
N VAL E 38 -7.67 4.54 20.41
CA VAL E 38 -6.88 4.50 21.64
C VAL E 38 -7.08 3.14 22.29
N ARG E 39 -5.98 2.47 22.60
CA ARG E 39 -6.01 1.21 23.32
C ARG E 39 -5.73 1.44 24.80
N GLN E 40 -6.51 0.79 25.66
CA GLN E 40 -6.30 0.83 27.10
C GLN E 40 -6.31 -0.61 27.61
N MET E 41 -5.12 -1.14 27.86
CA MET E 41 -5.01 -2.48 28.42
C MET E 41 -5.57 -2.51 29.84
N PRO E 42 -5.96 -3.70 30.32
CA PRO E 42 -6.56 -3.79 31.66
C PRO E 42 -5.64 -3.22 32.73
N GLY E 43 -6.12 -2.17 33.41
CA GLY E 43 -5.38 -1.56 34.49
C GLY E 43 -4.21 -0.69 34.07
N LYS E 44 -4.09 -0.36 32.79
CA LYS E 44 -2.99 0.44 32.28
C LYS E 44 -3.52 1.77 31.73
N GLY E 45 -2.60 2.59 31.24
CA GLY E 45 -2.94 3.91 30.74
C GLY E 45 -3.51 3.88 29.33
N LEU E 46 -3.43 5.03 28.67
CA LEU E 46 -3.99 5.21 27.34
C LEU E 46 -2.88 5.22 26.29
N GLU E 47 -3.06 4.43 25.24
CA GLU E 47 -2.12 4.35 24.13
C GLU E 47 -2.81 4.77 22.86
N TRP E 48 -2.29 5.82 22.22
CA TRP E 48 -2.83 6.30 20.94
C TRP E 48 -2.29 5.41 19.83
N MET E 49 -3.20 4.72 19.13
CA MET E 49 -2.81 3.77 18.08
C MET E 49 -2.61 4.46 16.74
N GLY E 50 -3.64 5.17 16.28
CA GLY E 50 -3.54 5.85 15.00
C GLY E 50 -4.72 6.77 14.80
N ILE E 51 -4.80 7.34 13.59
CA ILE E 51 -5.87 8.26 13.23
C ILE E 51 -6.07 8.17 11.73
N ILE E 52 -7.30 8.46 11.28
CA ILE E 52 -7.64 8.39 9.87
C ILE E 52 -8.63 9.50 9.55
N TYR E 53 -8.46 10.12 8.38
CA TYR E 53 -9.43 11.08 7.89
C TYR E 53 -10.30 10.38 6.85
N PRO E 54 -11.57 10.10 7.16
CA PRO E 54 -12.39 9.30 6.23
C PRO E 54 -12.61 9.94 4.88
N GLY E 55 -12.44 11.25 4.75
CA GLY E 55 -12.73 11.91 3.49
C GLY E 55 -11.84 11.45 2.35
N ASP E 56 -10.56 11.17 2.65
CA ASP E 56 -9.63 10.62 1.68
C ASP E 56 -8.82 9.46 2.22
N SER E 57 -9.15 8.97 3.41
CA SER E 57 -8.52 7.79 4.01
C SER E 57 -7.02 8.00 4.25
N GLU E 58 -6.61 9.25 4.52
CA GLU E 58 -5.26 9.47 5.02
C GLU E 58 -5.11 8.85 6.39
N THR E 59 -4.09 8.02 6.57
CA THR E 59 -3.93 7.23 7.78
C THR E 59 -2.52 7.43 8.35
N ARG E 60 -2.46 7.79 9.63
CA ARG E 60 -1.21 7.87 10.36
C ARG E 60 -1.26 6.90 11.53
N TYR E 61 -0.15 6.21 11.77
CA TYR E 61 -0.05 5.22 12.83
C TYR E 61 0.96 5.64 13.87
N SER E 62 0.81 5.09 15.07
CA SER E 62 1.85 5.19 16.08
C SER E 62 2.93 4.15 15.79
N PRO E 63 4.20 4.47 16.03
CA PRO E 63 5.26 3.49 15.78
C PRO E 63 5.06 2.18 16.53
N SER E 64 4.35 2.19 17.66
CA SER E 64 4.07 0.99 18.41
C SER E 64 2.99 0.12 17.77
N PHE E 65 2.24 0.67 16.82
CA PHE E 65 1.17 -0.08 16.15
C PHE E 65 1.30 -0.11 14.64
N GLN E 66 2.37 0.47 14.08
CA GLN E 66 2.59 0.42 12.64
C GLN E 66 2.76 -1.03 12.21
N GLY E 67 1.91 -1.46 11.25
CA GLY E 67 1.97 -2.81 10.75
C GLY E 67 1.30 -3.86 11.61
N GLN E 68 0.94 -3.53 12.85
CA GLN E 68 0.26 -4.48 13.74
C GLN E 68 -1.25 -4.44 13.57
N VAL E 69 -1.81 -3.29 13.20
CA VAL E 69 -3.24 -3.13 12.97
C VAL E 69 -3.44 -2.37 11.67
N THR E 70 -4.69 -2.38 11.19
CA THR E 70 -5.06 -1.69 9.97
C THR E 70 -6.28 -0.82 10.24
N ILE E 71 -6.12 0.48 10.11
CA ILE E 71 -7.20 1.45 10.36
C ILE E 71 -7.76 1.88 9.01
N SER E 72 -8.96 1.41 8.69
CA SER E 72 -9.66 1.75 7.46
C SER E 72 -10.86 2.65 7.78
N ALA E 73 -11.57 3.03 6.74
CA ALA E 73 -12.75 3.89 6.89
C ALA E 73 -13.65 3.74 5.69
N ASP E 74 -14.95 3.93 5.92
CA ASP E 74 -15.97 3.91 4.86
C ASP E 74 -16.72 5.23 4.97
N LYS E 75 -16.30 6.22 4.17
CA LYS E 75 -16.87 7.56 4.29
C LYS E 75 -18.34 7.62 3.90
N SER E 76 -18.84 6.60 3.18
CA SER E 76 -20.23 6.61 2.78
C SER E 76 -21.19 6.34 3.94
N ILE E 77 -20.69 5.82 5.05
CA ILE E 77 -21.55 5.51 6.19
C ILE E 77 -20.96 6.09 7.47
N ASN E 78 -20.02 7.03 7.33
CA ASN E 78 -19.42 7.73 8.46
C ASN E 78 -18.82 6.77 9.47
N THR E 79 -18.22 5.68 8.98
CA THR E 79 -17.72 4.61 9.84
C THR E 79 -16.21 4.46 9.65
N ALA E 80 -15.49 4.36 10.77
CA ALA E 80 -14.08 4.04 10.78
C ALA E 80 -13.88 2.66 11.39
N TYR E 81 -12.87 1.95 10.90
CA TYR E 81 -12.65 0.57 11.30
C TYR E 81 -11.25 0.39 11.87
N LEU E 82 -11.14 -0.60 12.75
CA LEU E 82 -9.85 -1.03 13.31
C LEU E 82 -9.86 -2.56 13.30
N GLN E 83 -8.88 -3.16 12.62
CA GLN E 83 -8.90 -4.59 12.39
C GLN E 83 -7.54 -5.22 12.62
N TRP E 84 -7.56 -6.45 13.11
CA TRP E 84 -6.39 -7.31 13.20
C TRP E 84 -6.54 -8.45 12.21
N SER E 85 -5.40 -8.97 11.74
CA SER E 85 -5.37 -10.18 10.93
C SER E 85 -5.14 -11.44 11.76
N SER E 86 -4.28 -11.36 12.78
CA SER E 86 -4.02 -12.50 13.66
C SER E 86 -3.98 -11.96 15.09
N LEU E 87 -4.99 -12.31 15.89
CA LEU E 87 -5.09 -11.80 17.24
C LEU E 87 -4.18 -12.57 18.18
N LYS E 88 -3.42 -11.83 18.99
CA LYS E 88 -2.63 -12.41 20.06
C LYS E 88 -3.37 -12.24 21.39
N ALA E 89 -2.93 -12.99 22.39
CA ALA E 89 -3.47 -12.81 23.74
C ALA E 89 -3.17 -11.41 24.26
N SER E 90 -2.05 -10.82 23.84
CA SER E 90 -1.66 -9.48 24.24
C SER E 90 -2.51 -8.38 23.59
N ASP E 91 -3.54 -8.75 22.84
CA ASP E 91 -4.45 -7.77 22.26
C ASP E 91 -5.70 -7.57 23.12
N THR E 92 -5.84 -8.31 24.21
CA THR E 92 -6.98 -8.15 25.10
C THR E 92 -6.90 -6.78 25.77
N ALA E 93 -7.84 -5.91 25.44
CA ALA E 93 -7.90 -4.56 25.99
C ALA E 93 -9.26 -3.96 25.62
N ILE E 94 -9.47 -2.72 26.06
CA ILE E 94 -10.62 -1.93 25.62
C ILE E 94 -10.12 -0.91 24.61
N TYR E 95 -10.89 -0.73 23.53
CA TYR E 95 -10.48 0.12 22.42
C TYR E 95 -11.50 1.24 22.25
N TYR E 96 -11.08 2.47 22.54
CA TYR E 96 -11.89 3.66 22.35
C TYR E 96 -11.57 4.28 21.00
N CYS E 97 -12.61 4.70 20.28
CA CYS E 97 -12.43 5.57 19.13
C CYS E 97 -12.76 7.00 19.53
N ALA E 98 -11.91 7.93 19.11
CA ALA E 98 -12.03 9.32 19.48
C ALA E 98 -12.01 10.18 18.23
N GLY E 99 -12.86 11.20 18.20
CA GLY E 99 -12.95 12.06 17.05
C GLY E 99 -12.72 13.53 17.37
N GLY E 100 -12.43 14.31 16.33
CA GLY E 100 -12.24 15.73 16.47
C GLY E 100 -12.16 16.40 15.11
N SER E 101 -12.98 17.43 14.90
CA SER E 101 -12.98 18.15 13.64
C SER E 101 -11.61 18.78 13.40
N GLY E 102 -10.84 18.21 12.50
CA GLY E 102 -9.51 18.70 12.20
C GLY E 102 -8.43 17.76 12.72
N ILE E 103 -7.21 17.97 12.23
CA ILE E 103 -6.03 17.26 12.71
C ILE E 103 -5.19 18.26 13.48
N SER E 104 -4.42 17.75 14.44
CA SER E 104 -3.76 18.58 15.45
C SER E 104 -4.79 19.39 16.23
N THR E 105 -5.90 18.75 16.57
CA THR E 105 -6.98 19.30 17.35
C THR E 105 -7.28 18.33 18.49
N PRO E 106 -7.87 18.80 19.58
CA PRO E 106 -8.19 17.89 20.69
C PRO E 106 -9.24 16.86 20.30
N MET E 107 -9.06 15.64 20.78
CA MET E 107 -10.06 14.59 20.62
C MET E 107 -11.17 14.86 21.63
N ASP E 108 -12.25 15.51 21.18
CA ASP E 108 -13.29 16.00 22.07
C ASP E 108 -14.56 15.17 22.05
N VAL E 109 -14.58 14.05 21.34
CA VAL E 109 -15.70 13.13 21.37
C VAL E 109 -15.15 11.72 21.44
N TRP E 110 -15.77 10.89 22.28
CA TRP E 110 -15.30 9.52 22.49
C TRP E 110 -16.50 8.58 22.49
N GLY E 111 -16.26 7.37 22.00
CA GLY E 111 -17.22 6.30 22.19
C GLY E 111 -17.05 5.64 23.54
N GLN E 112 -18.03 4.81 23.90
CA GLN E 112 -17.97 4.14 25.19
C GLN E 112 -17.03 2.93 25.19
N GLY E 113 -16.30 2.71 24.10
CA GLY E 113 -15.28 1.68 24.07
C GLY E 113 -15.80 0.33 23.62
N THR E 114 -14.89 -0.45 23.02
CA THR E 114 -15.15 -1.82 22.63
C THR E 114 -14.13 -2.72 23.33
N THR E 115 -14.62 -3.61 24.18
CA THR E 115 -13.75 -4.52 24.92
C THR E 115 -13.53 -5.78 24.10
N VAL E 116 -12.27 -6.11 23.85
CA VAL E 116 -11.88 -7.26 23.04
C VAL E 116 -11.21 -8.28 23.95
N THR E 117 -11.63 -9.53 23.85
CA THR E 117 -11.08 -10.62 24.65
C THR E 117 -10.54 -11.70 23.72
N VAL E 118 -9.23 -11.93 23.76
CA VAL E 118 -8.61 -12.96 22.95
C VAL E 118 -8.23 -14.13 23.84
N ALA E 119 -9.22 -14.94 24.20
CA ALA E 119 -9.04 -16.14 25.02
C ALA E 119 -10.38 -16.87 25.06
N SER E 120 -9.56 -20.10 26.01
CA SER E 120 -10.74 -20.94 26.15
C SER E 120 -11.49 -20.58 27.42
N THR E 121 -12.74 -21.03 27.50
CA THR E 121 -13.61 -20.72 28.61
C THR E 121 -13.61 -21.84 29.65
N LYS E 122 -14.02 -21.48 30.87
CA LYS E 122 -14.16 -22.46 31.94
C LYS E 122 -15.15 -21.92 32.96
N GLY E 123 -16.11 -22.76 33.35
CA GLY E 123 -17.10 -22.38 34.34
C GLY E 123 -16.53 -22.42 35.74
N PRO E 124 -17.07 -21.57 36.62
CA PRO E 124 -16.56 -21.50 38.00
C PRO E 124 -17.20 -22.52 38.93
N SER E 125 -16.40 -22.93 39.91
CA SER E 125 -16.89 -23.72 41.03
C SER E 125 -17.29 -22.77 42.15
N VAL E 126 -18.50 -22.94 42.67
CA VAL E 126 -19.05 -22.05 43.70
C VAL E 126 -19.08 -22.81 45.02
N PHE E 127 -18.35 -22.30 46.00
CA PHE E 127 -18.30 -22.89 47.32
C PHE E 127 -18.84 -21.92 48.36
N PRO E 128 -19.49 -22.42 49.41
CA PRO E 128 -20.06 -21.53 50.42
C PRO E 128 -19.04 -21.11 51.46
N LEU E 129 -19.11 -19.83 51.85
CA LEU E 129 -18.34 -19.30 52.97
C LEU E 129 -19.33 -19.16 54.12
N ALA E 130 -19.40 -20.20 54.96
CA ALA E 130 -20.43 -20.29 55.98
C ALA E 130 -20.08 -19.42 57.19
N PRO E 131 -21.07 -18.80 57.82
CA PRO E 131 -20.81 -18.00 59.02
C PRO E 131 -20.52 -18.87 60.22
N SER E 132 -19.74 -18.33 61.15
CA SER E 132 -19.38 -19.02 62.37
C SER E 132 -20.13 -18.43 63.56
N SER E 133 -20.30 -19.24 64.59
CA SER E 133 -21.02 -18.83 65.79
C SER E 133 -20.04 -18.44 66.90
N GLY E 138 -25.81 -12.17 69.01
CA GLY E 138 -25.63 -10.86 69.60
C GLY E 138 -25.63 -9.73 68.58
N GLY E 139 -24.52 -9.61 67.85
CA GLY E 139 -24.36 -8.56 66.86
C GLY E 139 -24.74 -9.00 65.46
N THR E 140 -23.81 -8.87 64.53
CA THR E 140 -24.02 -9.24 63.14
C THR E 140 -22.96 -10.22 62.70
N ALA E 141 -23.35 -11.18 61.85
CA ALA E 141 -22.45 -12.20 61.33
C ALA E 141 -22.36 -12.08 59.82
N ALA E 142 -21.23 -12.53 59.28
CA ALA E 142 -20.94 -12.41 57.86
C ALA E 142 -20.90 -13.78 57.19
N LEU E 143 -21.27 -13.81 55.91
CA LEU E 143 -21.25 -15.04 55.12
C LEU E 143 -21.01 -14.64 53.66
N GLY E 144 -20.68 -15.63 52.84
CA GLY E 144 -20.40 -15.33 51.46
C GLY E 144 -20.27 -16.57 50.60
N CYS E 145 -19.86 -16.35 49.36
CA CYS E 145 -19.66 -17.40 48.38
C CYS E 145 -18.30 -17.22 47.71
N LEU E 146 -17.61 -18.34 47.50
CA LEU E 146 -16.32 -18.34 46.83
C LEU E 146 -16.51 -18.80 45.39
N VAL E 147 -16.24 -17.90 44.44
CA VAL E 147 -16.36 -18.18 43.02
C VAL E 147 -14.94 -18.33 42.47
N LYS E 148 -14.53 -19.56 42.18
CA LYS E 148 -13.14 -19.89 41.96
C LYS E 148 -12.96 -20.64 40.65
N ASP E 149 -11.85 -20.34 39.97
CA ASP E 149 -11.39 -21.07 38.78
C ASP E 149 -12.39 -20.93 37.63
N TYR E 150 -12.41 -19.72 37.06
CA TYR E 150 -13.21 -19.44 35.88
C TYR E 150 -12.43 -18.52 34.95
N PHE E 151 -12.79 -18.57 33.67
CA PHE E 151 -12.19 -17.71 32.67
C PHE E 151 -13.14 -17.61 31.49
N PRO E 152 -13.38 -16.41 30.94
CA PRO E 152 -12.80 -15.16 31.41
C PRO E 152 -13.74 -14.38 32.32
N GLU E 153 -13.33 -13.16 32.67
CA GLU E 153 -14.24 -12.22 33.30
C GLU E 153 -15.37 -11.88 32.33
N PRO E 154 -16.54 -11.50 32.85
CA PRO E 154 -16.88 -11.39 34.26
C PRO E 154 -17.83 -12.48 34.76
N VAL E 155 -18.01 -12.54 36.07
CA VAL E 155 -19.08 -13.28 36.71
C VAL E 155 -19.94 -12.29 37.47
N THR E 156 -21.26 -12.48 37.40
CA THR E 156 -22.20 -11.63 38.12
C THR E 156 -22.79 -12.41 39.28
N VAL E 157 -22.76 -11.82 40.47
CA VAL E 157 -23.21 -12.46 41.69
C VAL E 157 -24.26 -11.58 42.35
N SER E 158 -25.40 -12.19 42.69
CA SER E 158 -26.44 -11.52 43.47
C SER E 158 -26.98 -12.50 44.50
N TRP E 159 -27.63 -11.96 45.51
CA TRP E 159 -28.10 -12.75 46.65
C TRP E 159 -29.63 -12.78 46.67
N ASN E 160 -30.17 -13.97 46.96
CA ASN E 160 -31.62 -14.18 47.03
C ASN E 160 -32.31 -13.75 45.73
N SER E 161 -31.69 -14.11 44.60
CA SER E 161 -32.19 -13.75 43.27
C SER E 161 -32.32 -12.24 43.10
N GLY E 162 -31.42 -11.48 43.72
CA GLY E 162 -31.44 -10.04 43.65
C GLY E 162 -32.24 -9.35 44.73
N ALA E 163 -32.71 -10.08 45.74
CA ALA E 163 -33.52 -9.51 46.81
C ALA E 163 -32.71 -9.12 48.04
N LEU E 164 -31.38 -9.10 47.92
CA LEU E 164 -30.53 -8.69 49.03
C LEU E 164 -29.30 -7.97 48.45
N THR E 165 -29.42 -6.65 48.32
CA THR E 165 -28.30 -5.81 47.90
C THR E 165 -27.66 -5.06 49.04
N SER E 166 -28.38 -4.86 50.14
CA SER E 166 -27.88 -4.06 51.26
C SER E 166 -26.75 -4.79 51.96
N GLY E 167 -25.58 -4.14 52.01
CA GLY E 167 -24.45 -4.70 52.73
C GLY E 167 -23.73 -5.83 52.02
N VAL E 168 -23.68 -5.80 50.69
CA VAL E 168 -23.02 -6.83 49.90
C VAL E 168 -21.72 -6.26 49.34
N HIS E 169 -20.65 -7.07 49.40
CA HIS E 169 -19.36 -6.70 48.84
C HIS E 169 -18.88 -7.85 47.95
N THR E 170 -19.02 -7.68 46.63
CA THR E 170 -18.46 -8.61 45.66
C THR E 170 -17.10 -8.08 45.25
N PHE E 171 -16.05 -8.80 45.61
CA PHE E 171 -14.69 -8.32 45.41
C PHE E 171 -14.28 -8.42 43.95
N PRO E 172 -13.43 -7.49 43.49
CA PRO E 172 -12.87 -7.63 42.14
C PRO E 172 -12.07 -8.91 42.02
N ALA E 173 -12.16 -9.54 40.85
CA ALA E 173 -11.48 -10.80 40.63
C ALA E 173 -9.97 -10.59 40.54
N VAL E 174 -9.22 -11.61 40.96
CA VAL E 174 -7.77 -11.63 40.85
C VAL E 174 -7.37 -12.85 40.04
N LEU E 175 -6.31 -12.69 39.24
CA LEU E 175 -5.84 -13.77 38.38
C LEU E 175 -4.91 -14.67 39.19
N GLN E 176 -5.35 -15.90 39.44
CA GLN E 176 -4.51 -16.87 40.12
C GLN E 176 -3.33 -17.26 39.23
N SER E 177 -2.34 -17.91 39.84
CA SER E 177 -1.17 -18.35 39.09
C SER E 177 -1.48 -19.47 38.11
N SER E 178 -2.67 -20.06 38.18
CA SER E 178 -3.10 -21.07 37.21
C SER E 178 -3.72 -20.46 35.96
N GLY E 179 -3.77 -19.13 35.85
CA GLY E 179 -4.41 -18.48 34.74
C GLY E 179 -5.91 -18.32 34.86
N LEU E 180 -6.50 -18.81 35.95
CA LEU E 180 -7.94 -18.71 36.18
C LEU E 180 -8.24 -17.65 37.23
N TYR E 181 -9.43 -17.08 37.15
CA TYR E 181 -9.85 -16.03 38.07
C TYR E 181 -10.52 -16.63 39.30
N SER E 182 -10.24 -16.02 40.45
CA SER E 182 -10.91 -16.34 41.70
C SER E 182 -11.57 -15.08 42.24
N LEU E 183 -12.65 -15.26 43.02
CA LEU E 183 -13.45 -14.16 43.47
C LEU E 183 -14.29 -14.59 44.65
N SER E 184 -14.55 -13.65 45.56
CA SER E 184 -15.40 -13.87 46.72
C SER E 184 -16.41 -12.75 46.82
N SER E 185 -17.65 -13.11 47.13
CA SER E 185 -18.74 -12.15 47.36
C SER E 185 -19.32 -12.44 48.74
N VAL E 186 -19.29 -11.43 49.62
CA VAL E 186 -19.70 -11.60 51.01
C VAL E 186 -20.80 -10.58 51.33
N VAL E 187 -21.60 -10.91 52.34
CA VAL E 187 -22.67 -10.06 52.82
C VAL E 187 -22.77 -10.20 54.33
N THR E 188 -22.97 -9.08 55.02
CA THR E 188 -23.15 -9.07 56.46
C THR E 188 -24.63 -8.95 56.79
N VAL E 189 -25.11 -9.77 57.72
CA VAL E 189 -26.51 -9.80 58.11
C VAL E 189 -26.61 -9.92 59.62
N PRO E 190 -27.74 -9.53 60.19
CA PRO E 190 -27.96 -9.74 61.63
C PRO E 190 -27.80 -11.20 62.01
N SER E 191 -27.26 -11.44 63.21
CA SER E 191 -26.94 -12.79 63.64
C SER E 191 -28.18 -13.64 63.84
N SER E 192 -29.30 -13.04 64.23
CA SER E 192 -30.52 -13.80 64.46
C SER E 192 -31.18 -14.28 63.18
N SER E 193 -30.73 -13.79 62.02
CA SER E 193 -31.32 -14.20 60.74
C SER E 193 -30.87 -15.58 60.30
N LEU E 194 -29.76 -16.08 60.83
CA LEU E 194 -29.19 -17.34 60.37
C LEU E 194 -30.08 -18.54 60.67
N GLY E 195 -31.02 -18.41 61.60
CA GLY E 195 -31.92 -19.50 61.92
C GLY E 195 -33.19 -19.49 61.11
N THR E 196 -33.50 -18.35 60.48
CA THR E 196 -34.75 -18.20 59.74
C THR E 196 -34.50 -17.90 58.26
N GLN E 197 -33.85 -16.80 57.93
CA GLN E 197 -33.74 -16.37 56.54
C GLN E 197 -32.81 -17.28 55.75
N THR E 198 -33.25 -17.63 54.54
CA THR E 198 -32.46 -18.42 53.61
C THR E 198 -31.55 -17.51 52.80
N TYR E 199 -30.28 -17.90 52.67
CA TYR E 199 -29.28 -17.11 51.95
C TYR E 199 -28.76 -17.92 50.77
N ILE E 200 -29.06 -17.45 49.56
CA ILE E 200 -28.65 -18.08 48.32
C ILE E 200 -27.87 -17.06 47.50
N CYS E 201 -26.71 -17.46 46.99
CA CYS E 201 -25.93 -16.64 46.07
C CYS E 201 -26.10 -17.20 44.66
N ASN E 202 -26.37 -16.31 43.71
CA ASN E 202 -26.58 -16.69 42.32
C ASN E 202 -25.38 -16.23 41.51
N VAL E 203 -24.67 -17.18 40.92
CA VAL E 203 -23.45 -16.91 40.17
C VAL E 203 -23.72 -17.21 38.70
N ASN E 204 -23.71 -16.16 37.88
CA ASN E 204 -23.86 -16.30 36.44
C ASN E 204 -22.51 -16.10 35.77
N HIS E 205 -22.23 -16.92 34.76
CA HIS E 205 -21.00 -16.82 33.96
C HIS E 205 -21.40 -17.00 32.51
N LYS E 206 -21.65 -15.88 31.84
CA LYS E 206 -22.11 -15.93 30.45
C LYS E 206 -21.18 -16.66 29.49
N PRO E 207 -19.84 -16.48 29.54
CA PRO E 207 -19.00 -17.15 28.53
C PRO E 207 -19.10 -18.67 28.54
N SER E 208 -19.38 -19.27 29.70
CA SER E 208 -19.47 -20.72 29.80
C SER E 208 -20.91 -21.22 29.92
N ASN E 209 -21.90 -20.32 29.91
CA ASN E 209 -23.31 -20.66 29.98
C ASN E 209 -23.65 -21.40 31.28
N THR E 210 -22.98 -21.04 32.37
CA THR E 210 -23.18 -21.67 33.67
C THR E 210 -23.92 -20.72 34.60
N LYS E 211 -24.93 -21.24 35.30
CA LYS E 211 -25.66 -20.50 36.32
C LYS E 211 -25.80 -21.39 37.54
N VAL E 212 -25.26 -20.93 38.67
CA VAL E 212 -25.20 -21.72 39.89
C VAL E 212 -25.89 -20.95 41.01
N ASP E 213 -26.88 -21.59 41.64
CA ASP E 213 -27.49 -21.11 42.88
C ASP E 213 -26.94 -21.95 44.02
N LYS E 214 -26.33 -21.29 45.01
CA LYS E 214 -25.65 -21.98 46.10
C LYS E 214 -26.32 -21.65 47.42
N LYS E 215 -26.67 -22.70 48.17
CA LYS E 215 -27.27 -22.53 49.49
C LYS E 215 -26.16 -22.32 50.53
N VAL E 216 -26.29 -21.25 51.32
CA VAL E 216 -25.32 -20.92 52.37
C VAL E 216 -26.02 -21.05 53.72
N GLU E 217 -25.40 -21.77 54.63
CA GLU E 217 -25.97 -22.01 55.95
C GLU E 217 -24.84 -22.37 56.90
N PRO E 218 -25.02 -22.15 58.20
CA PRO E 218 -23.96 -22.49 59.15
C PRO E 218 -23.69 -23.99 59.18
N LYS E 219 -22.41 -24.34 59.36
CA LYS E 219 -21.99 -25.75 59.36
C LYS E 219 -22.35 -26.37 60.71
N SER E 220 -23.30 -27.29 60.68
CA SER E 220 -23.76 -27.95 61.91
C SER E 220 -22.76 -29.00 62.39
N ASP F 1 9.01 13.28 17.35
CA ASP F 1 8.30 12.43 18.30
C ASP F 1 8.38 12.99 19.71
N ILE F 2 7.24 13.38 20.26
CA ILE F 2 7.17 14.09 21.53
C ILE F 2 6.75 13.12 22.63
N GLN F 3 7.43 13.17 23.76
CA GLN F 3 7.18 12.30 24.89
C GLN F 3 6.79 13.13 26.11
N LEU F 4 5.77 12.69 26.82
CA LEU F 4 5.23 13.42 27.98
C LEU F 4 5.47 12.65 29.26
N THR F 5 5.89 13.35 30.31
CA THR F 5 6.11 12.77 31.62
C THR F 5 5.32 13.58 32.64
N GLN F 6 4.39 12.93 33.32
CA GLN F 6 3.61 13.57 34.37
C GLN F 6 4.31 13.41 35.72
N SER F 7 3.92 14.26 36.68
CA SER F 7 4.40 14.17 38.04
C SER F 7 3.48 14.98 38.93
N PRO F 8 3.09 14.45 40.10
CA PRO F 8 3.50 13.14 40.60
C PRO F 8 2.64 12.01 40.03
N ASP F 9 3.01 10.77 40.32
CA ASP F 9 2.20 9.64 39.88
C ASP F 9 0.94 9.52 40.74
N SER F 10 1.05 9.80 42.03
CA SER F 10 -0.07 9.74 42.96
C SER F 10 -0.13 11.02 43.76
N LEU F 11 -1.35 11.47 44.07
CA LEU F 11 -1.55 12.75 44.74
C LEU F 11 -2.74 12.64 45.68
N ALA F 12 -2.51 12.94 46.95
CA ALA F 12 -3.57 12.94 47.97
C ALA F 12 -3.74 14.35 48.50
N VAL F 13 -4.95 14.90 48.38
CA VAL F 13 -5.24 16.27 48.77
C VAL F 13 -6.55 16.29 49.54
N SER F 14 -6.61 17.09 50.59
CA SER F 14 -7.79 17.16 51.45
C SER F 14 -8.93 17.88 50.73
N LEU F 15 -10.14 17.63 51.21
CA LEU F 15 -11.34 18.23 50.62
C LEU F 15 -11.27 19.76 50.72
N GLY F 16 -11.43 20.43 49.58
CA GLY F 16 -11.43 21.87 49.53
C GLY F 16 -10.07 22.51 49.29
N GLU F 17 -9.01 21.71 49.20
CA GLU F 17 -7.67 22.23 49.00
C GLU F 17 -7.30 22.19 47.51
N ARG F 18 -6.06 22.57 47.21
CA ARG F 18 -5.60 22.75 45.83
C ARG F 18 -4.73 21.58 45.41
N ALA F 19 -5.10 20.93 44.31
CA ALA F 19 -4.32 19.86 43.72
C ALA F 19 -3.68 20.37 42.44
N THR F 20 -2.39 20.13 42.28
CA THR F 20 -1.65 20.55 41.10
C THR F 20 -0.92 19.37 40.50
N ILE F 21 -1.08 19.17 39.19
CA ILE F 21 -0.41 18.11 38.45
C ILE F 21 0.48 18.75 37.40
N ASN F 22 1.71 18.25 37.28
CA ASN F 22 2.68 18.77 36.34
C ASN F 22 2.84 17.82 35.16
N CYS F 23 3.06 18.40 33.98
CA CYS F 23 3.25 17.65 32.74
C CYS F 23 4.44 18.25 32.01
N LYS F 24 5.46 17.43 31.75
CA LYS F 24 6.67 17.88 31.08
C LYS F 24 6.72 17.26 29.68
N SER F 25 6.93 18.10 28.68
CA SER F 25 7.08 17.66 27.30
C SER F 25 8.55 17.71 26.90
N SER F 26 8.98 16.69 26.15
CA SER F 26 10.35 16.67 25.65
C SER F 26 10.61 17.70 24.57
N GLN F 27 9.57 18.39 24.10
CA GLN F 27 9.71 19.35 23.01
C GLN F 27 8.59 20.37 23.13
N SER F 28 8.86 21.58 22.63
CA SER F 28 7.84 22.63 22.63
C SER F 28 6.63 22.22 21.82
N VAL F 29 5.48 22.81 22.16
CA VAL F 29 4.23 22.53 21.48
C VAL F 29 3.52 23.84 21.16
N LEU F 30 4.30 24.88 20.87
CA LEU F 30 3.78 26.22 20.66
C LEU F 30 3.63 26.48 19.17
N TYR F 31 2.38 26.69 18.73
CA TYR F 31 2.12 27.16 17.37
C TYR F 31 2.34 28.66 17.32
N SER F 32 3.12 29.12 16.34
CA SER F 32 3.46 30.53 16.26
C SER F 32 2.32 31.35 15.67
N SER F 33 1.60 30.79 14.70
CA SER F 33 0.52 31.52 14.03
C SER F 33 -0.51 32.02 15.03
N ILE F 34 -1.10 31.10 15.80
CA ILE F 34 -1.94 31.46 16.94
C ILE F 34 -1.16 31.09 18.19
N ASN F 35 -0.74 32.10 18.95
CA ASN F 35 0.09 31.88 20.12
C ASN F 35 -0.61 31.01 21.16
N LYS F 36 -0.64 29.70 20.91
CA LYS F 36 -1.29 28.74 21.79
C LYS F 36 -0.45 27.46 21.87
N ASN F 37 -0.38 26.89 23.06
CA ASN F 37 0.29 25.60 23.25
C ASN F 37 -0.70 24.48 23.03
N TYR F 38 -0.31 23.49 22.23
CA TYR F 38 -1.21 22.39 21.87
C TYR F 38 -1.06 21.24 22.86
N LEU F 39 -1.60 21.48 24.05
CA LEU F 39 -1.55 20.53 25.16
C LEU F 39 -2.94 20.42 25.76
N ALA F 40 -3.39 19.19 26.02
CA ALA F 40 -4.72 18.94 26.55
C ALA F 40 -4.63 18.14 27.85
N TRP F 41 -5.70 18.19 28.63
CA TRP F 41 -5.83 17.46 29.88
C TRP F 41 -7.10 16.64 29.86
N TYR F 42 -6.98 15.35 30.21
CA TYR F 42 -8.11 14.44 30.22
C TYR F 42 -8.29 13.84 31.61
N GLN F 43 -9.54 13.52 31.93
CA GLN F 43 -9.90 12.81 33.16
C GLN F 43 -10.58 11.51 32.78
N GLN F 44 -10.22 10.42 33.45
CA GLN F 44 -10.85 9.13 33.22
C GLN F 44 -11.20 8.48 34.55
N LYS F 45 -12.38 7.86 34.59
CA LYS F 45 -12.88 7.11 35.73
C LYS F 45 -13.17 5.68 35.31
N PRO F 46 -13.22 4.74 36.25
CA PRO F 46 -13.42 3.33 35.88
C PRO F 46 -14.68 3.12 35.05
N GLY F 47 -14.55 2.29 34.01
CA GLY F 47 -15.67 1.97 33.15
C GLY F 47 -16.19 3.11 32.32
N GLN F 48 -15.39 4.16 32.12
CA GLN F 48 -15.83 5.35 31.41
C GLN F 48 -14.77 5.79 30.43
N PRO F 49 -15.18 6.38 29.31
CA PRO F 49 -14.21 6.91 28.35
C PRO F 49 -13.56 8.18 28.89
N PRO F 50 -12.38 8.53 28.40
CA PRO F 50 -11.73 9.75 28.89
C PRO F 50 -12.57 10.99 28.60
N LYS F 51 -12.52 11.94 29.52
CA LYS F 51 -13.26 13.19 29.41
C LYS F 51 -12.29 14.33 29.21
N LEU F 52 -12.51 15.11 28.15
CA LEU F 52 -11.67 16.26 27.88
C LEU F 52 -12.01 17.39 28.85
N LEU F 53 -11.02 17.84 29.61
CA LEU F 53 -11.20 18.93 30.57
C LEU F 53 -10.66 20.25 30.06
N ILE F 54 -9.43 20.25 29.55
CA ILE F 54 -8.73 21.48 29.17
C ILE F 54 -7.98 21.23 27.88
N TYR F 55 -8.08 22.16 26.94
CA TYR F 55 -7.30 22.14 25.71
C TYR F 55 -6.62 23.49 25.53
N TRP F 56 -5.71 23.55 24.57
CA TRP F 56 -4.87 24.73 24.35
C TRP F 56 -4.21 25.18 25.65
N ALA F 57 -3.79 24.18 26.44
CA ALA F 57 -3.06 24.36 27.70
C ALA F 57 -3.89 25.00 28.81
N SER F 58 -4.85 25.88 28.46
CA SER F 58 -5.52 26.66 29.50
C SER F 58 -6.95 27.07 29.13
N THR F 59 -7.62 26.32 28.26
CA THR F 59 -9.00 26.60 27.89
C THR F 59 -9.89 25.46 28.36
N ARG F 60 -10.98 25.82 29.03
CA ARG F 60 -11.87 24.83 29.64
C ARG F 60 -12.87 24.30 28.63
N GLU F 61 -12.98 22.97 28.56
CA GLU F 61 -14.01 22.35 27.74
C GLU F 61 -15.37 22.47 28.42
N SER F 62 -16.42 22.38 27.61
CA SER F 62 -17.79 22.45 28.12
C SER F 62 -18.02 21.36 29.17
N GLY F 63 -18.88 21.67 30.13
CA GLY F 63 -19.23 20.71 31.16
C GLY F 63 -18.16 20.48 32.21
N VAL F 64 -17.20 21.38 32.33
CA VAL F 64 -16.10 21.27 33.28
C VAL F 64 -16.28 22.34 34.34
N PRO F 65 -16.20 22.01 35.63
CA PRO F 65 -16.39 23.02 36.68
C PRO F 65 -15.30 24.10 36.62
N ASP F 66 -15.65 25.27 37.17
CA ASP F 66 -14.73 26.41 37.15
C ASP F 66 -13.44 26.13 37.92
N ARG F 67 -13.44 25.14 38.82
CA ARG F 67 -12.28 24.88 39.65
C ARG F 67 -11.15 24.18 38.90
N PHE F 68 -11.40 23.68 37.70
CA PHE F 68 -10.34 23.14 36.85
C PHE F 68 -9.72 24.27 36.04
N SER F 69 -8.39 24.37 36.09
CA SER F 69 -7.68 25.40 35.35
C SER F 69 -6.32 24.87 34.92
N GLY F 70 -5.90 25.25 33.72
CA GLY F 70 -4.61 24.85 33.21
C GLY F 70 -3.71 26.04 32.99
N SER F 71 -2.39 25.81 32.95
CA SER F 71 -1.43 26.87 32.74
C SER F 71 -0.14 26.26 32.19
N GLY F 72 0.83 27.11 31.93
CA GLY F 72 2.13 26.68 31.47
C GLY F 72 2.44 27.20 30.08
N SER F 73 3.70 27.05 29.71
CA SER F 73 4.18 27.45 28.40
C SER F 73 5.48 26.72 28.11
N GLY F 74 5.77 26.53 26.82
CA GLY F 74 6.98 25.86 26.42
C GLY F 74 6.94 24.37 26.68
N THR F 75 7.54 23.93 27.79
CA THR F 75 7.63 22.51 28.11
C THR F 75 7.03 22.13 29.46
N ASP F 76 6.69 23.10 30.30
CA ASP F 76 6.10 22.82 31.61
C ASP F 76 4.65 23.26 31.61
N PHE F 77 3.75 22.34 31.96
CA PHE F 77 2.33 22.62 32.02
C PHE F 77 1.76 22.10 33.34
N THR F 78 0.65 22.69 33.75
CA THR F 78 0.09 22.44 35.07
C THR F 78 -1.43 22.36 35.02
N LEU F 79 -1.98 21.28 35.56
CA LEU F 79 -3.42 21.17 35.80
C LEU F 79 -3.68 21.42 37.28
N THR F 80 -4.58 22.36 37.57
CA THR F 80 -4.83 22.79 38.94
C THR F 80 -6.31 22.58 39.27
N ILE F 81 -6.58 21.71 40.24
CA ILE F 81 -7.91 21.49 40.76
C ILE F 81 -7.98 22.21 42.11
N SER F 82 -8.49 23.44 42.11
CA SER F 82 -8.71 24.15 43.35
C SER F 82 -10.02 23.69 43.97
N SER F 83 -10.06 23.67 45.31
CA SER F 83 -11.21 23.19 46.06
C SER F 83 -11.61 21.78 45.61
N LEU F 84 -10.70 20.84 45.87
CA LEU F 84 -10.88 19.47 45.45
C LEU F 84 -12.17 18.90 46.05
N GLN F 85 -12.93 18.18 45.23
CA GLN F 85 -14.22 17.64 45.62
C GLN F 85 -14.20 16.12 45.56
N ALA F 86 -15.31 15.51 45.98
CA ALA F 86 -15.37 14.05 46.07
C ALA F 86 -15.29 13.41 44.70
N GLU F 87 -16.13 13.83 43.76
CA GLU F 87 -16.18 13.23 42.44
C GLU F 87 -15.02 13.66 41.54
N ASP F 88 -14.02 14.37 42.08
CA ASP F 88 -12.82 14.68 41.32
C ASP F 88 -11.77 13.58 41.42
N VAL F 89 -12.02 12.55 42.22
CA VAL F 89 -11.08 11.43 42.35
C VAL F 89 -11.09 10.64 41.05
N ALA F 90 -9.98 10.70 40.31
CA ALA F 90 -9.85 10.01 39.03
C ALA F 90 -8.38 10.03 38.62
N VAL F 91 -8.11 9.46 37.45
CA VAL F 91 -6.78 9.51 36.84
C VAL F 91 -6.78 10.63 35.81
N TYR F 92 -5.70 11.40 35.77
CA TYR F 92 -5.60 12.55 34.89
C TYR F 92 -4.40 12.39 33.96
N TYR F 93 -4.65 12.49 32.66
CA TYR F 93 -3.62 12.38 31.64
C TYR F 93 -3.48 13.70 30.91
N CYS F 94 -2.24 14.07 30.59
CA CYS F 94 -1.97 15.18 29.69
C CYS F 94 -1.61 14.62 28.32
N GLN F 95 -2.25 15.15 27.29
CA GLN F 95 -2.03 14.73 25.92
C GLN F 95 -1.55 15.91 25.09
N GLN F 96 -0.57 15.68 24.24
CA GLN F 96 -0.15 16.67 23.26
C GLN F 96 -0.78 16.32 21.92
N TYR F 97 -1.29 17.35 21.24
CA TYR F 97 -1.80 17.22 19.89
C TYR F 97 -1.10 18.22 18.97
N TYR F 98 0.17 18.51 19.26
CA TYR F 98 0.96 19.38 18.39
C TYR F 98 1.19 18.72 17.03
N SER F 99 1.63 17.46 17.04
CA SER F 99 1.83 16.71 15.81
C SER F 99 1.62 15.23 16.09
N THR F 100 1.32 14.49 15.03
CA THR F 100 1.24 13.05 15.14
C THR F 100 2.65 12.45 15.17
N PRO F 101 2.86 11.35 15.91
CA PRO F 101 1.85 10.61 16.69
C PRO F 101 1.45 11.28 18.00
N TYR F 102 0.14 11.35 18.25
CA TYR F 102 -0.35 11.83 19.54
C TYR F 102 0.20 10.97 20.67
N THR F 103 0.52 11.59 21.80
CA THR F 103 1.07 10.88 22.94
C THR F 103 0.41 11.36 24.22
N PHE F 104 0.28 10.45 25.18
CA PHE F 104 -0.29 10.72 26.49
C PHE F 104 0.79 10.71 27.55
N GLY F 105 0.47 11.32 28.70
CA GLY F 105 1.26 11.12 29.88
C GLY F 105 0.99 9.75 30.50
N GLN F 106 1.83 9.38 31.46
CA GLN F 106 1.67 8.06 32.08
C GLN F 106 0.48 8.00 33.01
N GLY F 107 -0.05 9.13 33.44
CA GLY F 107 -1.23 9.16 34.29
C GLY F 107 -0.89 9.59 35.71
N THR F 108 -1.80 10.33 36.33
CA THR F 108 -1.65 10.82 37.70
C THR F 108 -2.91 10.49 38.48
N LYS F 109 -2.76 9.68 39.52
CA LYS F 109 -3.89 9.32 40.37
C LYS F 109 -4.09 10.40 41.43
N VAL F 110 -5.32 10.85 41.59
CA VAL F 110 -5.68 11.89 42.55
C VAL F 110 -6.71 11.33 43.52
N GLU F 111 -6.38 11.31 44.80
CA GLU F 111 -7.24 10.79 45.84
C GLU F 111 -7.47 11.86 46.91
N ILE F 112 -8.52 11.67 47.70
CA ILE F 112 -8.83 12.58 48.79
C ILE F 112 -8.01 12.17 50.02
N LYS F 113 -7.39 13.16 50.66
CA LYS F 113 -6.67 12.93 51.91
C LYS F 113 -7.56 13.29 53.08
N ARG F 114 -11.23 10.20 54.47
CA ARG F 114 -12.13 10.31 55.60
C ARG F 114 -11.36 9.94 56.87
N THR F 115 -12.05 10.04 58.01
CA THR F 115 -11.46 9.68 59.28
C THR F 115 -11.16 8.18 59.33
N VAL F 116 -10.15 7.82 60.12
CA VAL F 116 -9.72 6.43 60.19
C VAL F 116 -10.85 5.56 60.75
N ALA F 117 -10.98 4.36 60.22
CA ALA F 117 -11.99 3.41 60.66
C ALA F 117 -11.38 2.01 60.70
N ALA F 118 -11.50 1.35 61.84
CA ALA F 118 -10.95 0.02 61.99
C ALA F 118 -11.80 -1.01 61.23
N PRO F 119 -11.18 -2.07 60.72
CA PRO F 119 -11.95 -3.09 59.99
C PRO F 119 -12.52 -4.17 60.89
N SER F 120 -13.75 -4.58 60.57
CA SER F 120 -14.33 -5.77 61.17
C SER F 120 -13.75 -6.99 60.47
N VAL F 121 -13.15 -7.89 61.23
CA VAL F 121 -12.38 -9.00 60.68
C VAL F 121 -13.15 -10.29 60.85
N PHE F 122 -13.23 -11.08 59.79
CA PHE F 122 -13.85 -12.39 59.81
C PHE F 122 -12.91 -13.38 59.12
N ILE F 123 -13.10 -14.67 59.42
CA ILE F 123 -12.32 -15.73 58.79
C ILE F 123 -13.26 -16.89 58.47
N PHE F 124 -13.06 -17.50 57.30
CA PHE F 124 -13.88 -18.59 56.82
C PHE F 124 -13.03 -19.80 56.50
N PRO F 125 -13.36 -20.97 57.05
CA PRO F 125 -12.64 -22.18 56.66
C PRO F 125 -13.10 -22.66 55.29
N PRO F 126 -12.33 -23.53 54.65
CA PRO F 126 -12.79 -24.08 53.36
C PRO F 126 -13.98 -25.01 53.54
N SER F 127 -14.84 -25.01 52.54
CA SER F 127 -16.02 -25.87 52.57
C SER F 127 -15.63 -27.33 52.44
N ASP F 128 -16.51 -28.21 52.91
CA ASP F 128 -16.29 -29.64 52.73
C ASP F 128 -16.34 -30.04 51.26
N GLU F 129 -17.14 -29.33 50.46
CA GLU F 129 -17.24 -29.64 49.04
C GLU F 129 -15.93 -29.38 48.32
N GLN F 130 -15.27 -28.26 48.62
CA GLN F 130 -14.00 -27.95 47.99
C GLN F 130 -12.91 -28.94 48.40
N LEU F 131 -12.99 -29.50 49.60
CA LEU F 131 -11.96 -30.41 50.06
C LEU F 131 -11.99 -31.73 49.31
N LYS F 132 -13.15 -32.12 48.76
CA LYS F 132 -13.19 -33.32 47.94
C LYS F 132 -12.41 -33.16 46.64
N SER F 133 -12.33 -31.94 46.12
CA SER F 133 -11.61 -31.67 44.89
C SER F 133 -10.10 -31.53 45.10
N GLY F 134 -9.63 -31.57 46.35
CA GLY F 134 -8.21 -31.58 46.63
C GLY F 134 -7.59 -30.22 46.91
N THR F 135 -8.38 -29.15 46.96
CA THR F 135 -7.87 -27.81 47.25
C THR F 135 -8.59 -27.24 48.45
N ALA F 136 -7.91 -26.34 49.16
CA ALA F 136 -8.46 -25.69 50.35
C ALA F 136 -8.18 -24.21 50.26
N SER F 137 -9.23 -23.40 50.33
CA SER F 137 -9.12 -21.94 50.26
C SER F 137 -9.63 -21.35 51.57
N VAL F 138 -8.75 -20.65 52.29
CA VAL F 138 -9.09 -19.99 53.54
C VAL F 138 -9.22 -18.50 53.25
N VAL F 139 -10.39 -17.94 53.54
CA VAL F 139 -10.72 -16.56 53.23
C VAL F 139 -10.73 -15.75 54.52
N CYS F 140 -10.11 -14.57 54.48
CA CYS F 140 -10.14 -13.63 55.58
C CYS F 140 -10.69 -12.31 55.08
N LEU F 141 -11.71 -11.80 55.76
CA LEU F 141 -12.43 -10.61 55.32
C LEU F 141 -12.13 -9.43 56.23
N LEU F 142 -11.80 -8.29 55.64
CA LEU F 142 -11.64 -7.02 56.34
C LEU F 142 -12.72 -6.09 55.82
N ASN F 143 -13.72 -5.80 56.65
CA ASN F 143 -14.95 -5.16 56.20
C ASN F 143 -14.98 -3.69 56.61
N ASN F 144 -15.21 -2.80 55.63
CA ASN F 144 -15.51 -1.39 55.85
C ASN F 144 -14.48 -0.69 56.73
N PHE F 145 -13.34 -0.30 56.13
CA PHE F 145 -12.28 0.35 56.87
C PHE F 145 -11.65 1.43 56.01
N TYR F 146 -10.87 2.30 56.68
CA TYR F 146 -10.10 3.34 56.03
C TYR F 146 -8.96 3.72 56.96
N PRO F 147 -7.74 3.94 56.44
CA PRO F 147 -7.35 3.93 55.03
C PRO F 147 -7.21 2.52 54.45
N ARG F 148 -6.74 2.48 53.19
CA ARG F 148 -6.67 1.20 52.48
C ARG F 148 -5.53 0.33 53.00
N GLU F 149 -4.43 0.96 53.42
CA GLU F 149 -3.25 0.20 53.85
C GLU F 149 -3.58 -0.66 55.06
N ALA F 150 -3.25 -1.95 54.97
CA ALA F 150 -3.52 -2.90 56.04
C ALA F 150 -2.72 -4.18 55.84
N LYS F 151 -1.78 -4.46 56.74
CA LYS F 151 -1.02 -5.70 56.67
C LYS F 151 -1.87 -6.86 57.15
N VAL F 152 -1.94 -7.91 56.33
CA VAL F 152 -2.68 -9.13 56.67
C VAL F 152 -1.70 -10.29 56.62
N GLN F 153 -1.51 -10.94 57.76
CA GLN F 153 -0.52 -12.00 57.91
C GLN F 153 -1.22 -13.31 58.22
N TRP F 154 -1.07 -14.29 57.33
CA TRP F 154 -1.61 -15.62 57.58
C TRP F 154 -0.67 -16.40 58.49
N LYS F 155 -1.26 -17.18 59.39
CA LYS F 155 -0.52 -18.03 60.30
C LYS F 155 -1.15 -19.41 60.31
N VAL F 156 -0.34 -20.43 60.04
CA VAL F 156 -0.79 -21.82 60.06
C VAL F 156 0.02 -22.53 61.13
N ASP F 157 -0.66 -22.91 62.23
CA ASP F 157 0.01 -23.45 63.42
C ASP F 157 1.13 -22.51 63.87
N ASN F 158 0.82 -21.21 63.89
CA ASN F 158 1.71 -20.13 64.32
C ASN F 158 2.89 -19.92 63.39
N ALA F 159 2.88 -20.51 62.20
CA ALA F 159 3.94 -20.31 61.21
C ALA F 159 3.49 -19.26 60.20
N LEU F 160 4.34 -18.25 60.00
CA LEU F 160 4.01 -17.18 59.06
C LEU F 160 4.00 -17.70 57.63
N GLN F 161 2.91 -17.46 56.92
CA GLN F 161 2.78 -17.88 55.54
C GLN F 161 3.24 -16.78 54.60
N SER F 162 3.78 -17.19 53.46
CA SER F 162 4.31 -16.24 52.48
C SER F 162 4.25 -16.86 51.10
N GLY F 163 3.84 -16.06 50.11
CA GLY F 163 3.78 -16.53 48.74
C GLY F 163 2.71 -17.56 48.47
N ASN F 164 1.58 -17.50 49.18
CA ASN F 164 0.49 -18.43 48.94
C ASN F 164 -0.87 -17.79 49.20
N SER F 165 -0.97 -16.47 49.10
CA SER F 165 -2.22 -15.77 49.35
C SER F 165 -2.33 -14.59 48.40
N GLN F 166 -3.56 -14.24 48.05
CA GLN F 166 -3.86 -13.10 47.21
C GLN F 166 -4.85 -12.19 47.92
N GLU F 167 -4.69 -10.88 47.73
CA GLU F 167 -5.58 -9.90 48.32
C GLU F 167 -6.41 -9.22 47.24
N SER F 168 -7.59 -8.74 47.65
CA SER F 168 -8.49 -8.03 46.75
C SER F 168 -9.23 -6.97 47.54
N VAL F 169 -9.31 -5.76 46.99
CA VAL F 169 -9.91 -4.62 47.67
C VAL F 169 -11.08 -4.11 46.84
N THR F 170 -12.18 -3.80 47.52
CA THR F 170 -13.37 -3.29 46.85
C THR F 170 -13.18 -1.83 46.45
N GLU F 171 -14.11 -1.33 45.66
CA GLU F 171 -14.15 0.09 45.36
C GLU F 171 -14.56 0.86 46.62
N GLN F 172 -14.09 2.10 46.71
CA GLN F 172 -14.46 2.95 47.84
C GLN F 172 -15.97 3.15 47.85
N ASP F 173 -16.59 2.81 48.98
CA ASP F 173 -18.05 2.88 49.08
C ASP F 173 -18.53 4.32 48.92
N SER F 174 -19.65 4.48 48.23
CA SER F 174 -20.14 5.81 47.91
C SER F 174 -20.62 6.55 49.14
N LYS F 175 -21.21 5.84 50.10
CA LYS F 175 -21.87 6.49 51.23
C LYS F 175 -20.92 6.79 52.40
N ASP F 176 -20.06 5.83 52.78
CA ASP F 176 -19.19 6.01 53.93
C ASP F 176 -17.70 6.04 53.57
N SER F 177 -17.34 5.92 52.31
CA SER F 177 -15.95 6.08 51.85
C SER F 177 -15.02 5.06 52.49
N THR F 178 -15.48 3.81 52.64
CA THR F 178 -14.70 2.74 53.22
C THR F 178 -14.38 1.68 52.18
N TYR F 179 -13.25 1.02 52.37
CA TYR F 179 -12.86 -0.12 51.56
C TYR F 179 -13.14 -1.42 52.30
N SER F 180 -13.13 -2.52 51.55
CA SER F 180 -13.20 -3.86 52.12
C SER F 180 -12.18 -4.74 51.42
N LEU F 181 -11.55 -5.63 52.17
CA LEU F 181 -10.45 -6.44 51.68
C LEU F 181 -10.70 -7.90 51.94
N SER F 182 -10.33 -8.74 50.98
CA SER F 182 -10.40 -10.20 51.12
C SER F 182 -9.03 -10.78 50.81
N SER F 183 -8.48 -11.52 51.77
CA SER F 183 -7.24 -12.26 51.58
C SER F 183 -7.59 -13.75 51.55
N THR F 184 -7.02 -14.46 50.58
CA THR F 184 -7.40 -15.85 50.32
C THR F 184 -6.15 -16.71 50.37
N LEU F 185 -6.05 -17.57 51.39
CA LEU F 185 -4.94 -18.50 51.52
C LEU F 185 -5.28 -19.81 50.81
N THR F 186 -4.40 -20.25 49.92
CA THR F 186 -4.62 -21.44 49.13
C THR F 186 -3.55 -22.47 49.44
N LEU F 187 -3.96 -23.71 49.71
CA LEU F 187 -3.03 -24.80 49.94
C LEU F 187 -3.76 -26.11 49.65
N SER F 188 -2.97 -27.16 49.40
CA SER F 188 -3.51 -28.45 49.02
C SER F 188 -4.32 -29.07 50.16
N LYS F 189 -5.22 -29.99 49.79
CA LYS F 189 -6.00 -30.71 50.79
C LYS F 189 -5.09 -31.45 51.77
N ALA F 190 -4.00 -32.03 51.25
CA ALA F 190 -3.03 -32.70 52.12
C ALA F 190 -2.45 -31.72 53.13
N ASP F 191 -1.90 -30.59 52.64
CA ASP F 191 -1.31 -29.60 53.54
C ASP F 191 -2.35 -29.02 54.51
N TYR F 192 -3.61 -28.91 54.08
CA TYR F 192 -4.62 -28.36 54.97
C TYR F 192 -4.93 -29.27 56.13
N GLU F 193 -4.88 -30.59 55.92
CA GLU F 193 -5.19 -31.55 56.97
C GLU F 193 -3.99 -31.86 57.85
N LYS F 194 -2.82 -31.26 57.59
CA LYS F 194 -1.65 -31.48 58.44
C LYS F 194 -1.63 -30.58 59.66
N HIS F 195 -2.37 -29.47 59.63
CA HIS F 195 -2.28 -28.45 60.67
C HIS F 195 -3.66 -28.19 61.26
N LYS F 196 -3.67 -27.46 62.37
CA LYS F 196 -4.88 -27.27 63.17
C LYS F 196 -5.32 -25.82 63.26
N VAL F 197 -4.43 -24.91 63.64
CA VAL F 197 -4.78 -23.52 63.89
C VAL F 197 -4.51 -22.71 62.62
N TYR F 198 -5.57 -22.15 62.04
CA TYR F 198 -5.48 -21.27 60.89
C TYR F 198 -5.91 -19.87 61.34
N ALA F 199 -4.96 -18.95 61.37
CA ALA F 199 -5.18 -17.62 61.94
C ALA F 199 -4.93 -16.53 60.91
N CYS F 200 -5.64 -15.42 61.07
CA CYS F 200 -5.51 -14.25 60.20
C CYS F 200 -5.25 -13.04 61.09
N GLU F 201 -4.03 -12.51 61.04
CA GLU F 201 -3.63 -11.39 61.88
C GLU F 201 -3.67 -10.11 61.07
N VAL F 202 -4.49 -9.16 61.48
CA VAL F 202 -4.71 -7.91 60.77
C VAL F 202 -4.04 -6.78 61.55
N THR F 203 -3.18 -6.02 60.88
CA THR F 203 -2.57 -4.82 61.42
C THR F 203 -3.09 -3.62 60.65
N HIS F 204 -3.59 -2.62 61.38
CA HIS F 204 -4.21 -1.47 60.73
C HIS F 204 -4.02 -0.24 61.60
N GLN F 205 -4.14 0.92 60.97
CA GLN F 205 -3.96 2.18 61.69
C GLN F 205 -5.06 2.40 62.72
N GLY F 206 -6.29 1.97 62.41
CA GLY F 206 -7.39 2.13 63.33
C GLY F 206 -7.39 1.17 64.50
N LEU F 207 -6.55 0.15 64.46
CA LEU F 207 -6.42 -0.83 65.54
C LEU F 207 -5.18 -0.50 66.35
N SER F 208 -5.38 -0.19 67.63
CA SER F 208 -4.24 0.05 68.51
C SER F 208 -3.41 -1.20 68.76
N SER F 209 -3.93 -2.38 68.42
CA SER F 209 -3.22 -3.64 68.55
C SER F 209 -3.70 -4.57 67.44
N PRO F 210 -2.82 -5.43 66.91
CA PRO F 210 -3.24 -6.32 65.82
C PRO F 210 -4.33 -7.28 66.25
N VAL F 211 -5.43 -7.27 65.50
CA VAL F 211 -6.55 -8.17 65.76
C VAL F 211 -6.33 -9.46 64.99
N THR F 212 -6.50 -10.59 65.68
CA THR F 212 -6.35 -11.91 65.09
C THR F 212 -7.67 -12.66 65.17
N LYS F 213 -8.06 -13.27 64.07
CA LYS F 213 -9.20 -14.19 64.03
C LYS F 213 -8.71 -15.54 63.54
N SER F 214 -9.18 -16.61 64.18
CA SER F 214 -8.67 -17.93 63.88
C SER F 214 -9.78 -18.96 64.04
N PHE F 215 -9.46 -20.19 63.62
CA PHE F 215 -10.34 -21.33 63.79
C PHE F 215 -9.48 -22.59 63.83
N ASN F 216 -9.94 -23.58 64.58
CA ASN F 216 -9.34 -24.90 64.56
C ASN F 216 -10.07 -25.77 63.55
N ARG F 217 -9.30 -26.55 62.80
CA ARG F 217 -9.86 -27.33 61.70
C ARG F 217 -10.90 -28.32 62.20
N GLY F 218 -12.13 -28.17 61.72
CA GLY F 218 -13.22 -29.06 62.08
C GLY F 218 -13.64 -28.97 63.53
N GLU F 219 -14.21 -27.84 63.92
CA GLU F 219 -14.73 -27.66 65.27
C GLU F 219 -16.05 -26.90 65.27
#